data_2Z5C
#
_entry.id   2Z5C
#
_cell.length_a   158.687
_cell.length_b   159.181
_cell.length_c   65.035
_cell.angle_alpha   90.00
_cell.angle_beta   90.00
_cell.angle_gamma   90.00
#
_symmetry.space_group_name_H-M   'P 21 21 2'
#
loop_
_entity.id
_entity.type
_entity.pdbx_description
1 polymer 'Protein YPL144W'
2 polymer 'Uncharacterized protein YLR021W'
3 polymer 'Proteasome component PUP2'
#
loop_
_entity_poly.entity_id
_entity_poly.type
_entity_poly.pdbx_seq_one_letter_code
_entity_poly.pdbx_strand_id
1 'polypeptide(L)'
;GSHMLVKTISRTIESESGFLQPTLDVIATLPADDRSKKIPISLVVGFKQEASLNSSSSLSCYYYAIPLMRDRHINLKSGG
SNVVGIPLLDTKDDRIRDMARHMATIISERFNRPCYVTWSSLPSEDPSMLVANHLYILKKCLDLLKTELGE
;
A,D
2 'polypeptide(L)'
;MISYEFQTHLPKGKDSSLNASSENKELYVQATHFNNTILLQIRLNGEMDSTYEVSSKGLNHLSDYQVVTKLGDSADPKVP
VVCVQIAELYRRVILPEVSGTMAQDNMQFSLLISMSSKIWRATKEQSADDNDFGKLVFVLKCIKDMYAK
;
B,E
3 'polypeptide(L)'
;GSMFLTRSEYDRGVSTFSPEGRLFQVEYSLEAIKLGSTAIGIATKEGVVLGVEKRATSPLLESDSIEKIVEIDRHIGCAM
SGLTADARSMIEHARTAAVTHNLYYDEDINVESLTQSVCDLALRFGEGASGEERLMSRPFGVALLIAGHDADDGYQLFHA
EPSGTFYRYNAKAIGSGSEGAQAELLNEWHSSLTLKEAELLVLKILKQVMEEKLDENNAQLSCITKQDGFKIYDNEKTAE
LIKELKEKEAAESPEEADVEMS
;
C,F
#
# COMPACT_ATOMS: atom_id res chain seq x y z
N LYS A 7 20.66 16.22 -2.03
CA LYS A 7 19.20 15.96 -1.84
C LYS A 7 18.48 15.69 -3.19
N THR A 8 19.18 15.15 -4.19
CA THR A 8 18.58 14.91 -5.52
C THR A 8 18.88 13.50 -6.10
N ILE A 9 17.88 12.84 -6.71
CA ILE A 9 18.04 11.45 -7.20
C ILE A 9 17.59 11.19 -8.65
N SER A 10 18.48 10.65 -9.46
CA SER A 10 18.06 10.06 -10.76
C SER A 10 17.59 8.61 -10.57
N ARG A 11 16.52 8.25 -11.29
CA ARG A 11 15.89 6.91 -11.19
C ARG A 11 15.12 6.55 -12.46
N THR A 12 15.03 5.25 -12.72
CA THR A 12 14.21 4.73 -13.82
C THR A 12 13.32 3.69 -13.19
N ILE A 13 12.00 3.88 -13.20
CA ILE A 13 11.18 2.93 -12.48
C ILE A 13 10.55 1.90 -13.39
N GLU A 14 10.90 0.64 -13.11
CA GLU A 14 10.70 -0.53 -14.00
C GLU A 14 9.43 -1.26 -13.67
N SER A 15 8.90 -2.02 -14.64
CA SER A 15 7.75 -2.89 -14.38
C SER A 15 8.02 -4.38 -14.62
N GLN A 21 2.35 -0.98 -19.34
CA GLN A 21 3.00 -0.36 -18.16
C GLN A 21 4.48 0.11 -18.27
N PRO A 22 4.81 1.06 -19.16
CA PRO A 22 6.19 1.51 -19.48
C PRO A 22 7.18 1.99 -18.40
N THR A 23 8.44 2.09 -18.78
CA THR A 23 9.50 2.49 -17.86
C THR A 23 9.52 4.00 -17.83
N LEU A 24 9.76 4.52 -16.64
CA LEU A 24 9.69 5.95 -16.42
C LEU A 24 11.03 6.51 -16.03
N ASP A 25 11.34 7.72 -16.53
CA ASP A 25 12.41 8.53 -15.95
C ASP A 25 11.98 9.58 -14.91
N VAL A 26 12.77 9.69 -13.86
CA VAL A 26 12.44 10.53 -12.72
C VAL A 26 13.70 11.19 -12.17
N ILE A 27 13.85 12.49 -12.44
CA ILE A 27 14.72 13.36 -11.61
C ILE A 27 13.86 13.97 -10.48
N ALA A 28 14.30 13.78 -9.23
CA ALA A 28 13.56 14.25 -8.05
C ALA A 28 14.47 14.83 -6.97
N THR A 29 14.25 16.13 -6.70
CA THR A 29 14.90 16.88 -5.62
C THR A 29 13.96 16.85 -4.42
N LEU A 30 14.50 16.53 -3.25
CA LEU A 30 13.72 16.50 -2.00
C LEU A 30 14.60 16.65 -0.74
N PRO A 31 13.98 16.70 0.46
CA PRO A 31 14.65 16.92 1.75
C PRO A 31 15.65 15.84 2.24
N ALA A 32 16.75 16.27 2.88
CA ALA A 32 17.54 15.41 3.81
C ALA A 32 16.64 15.03 5.02
N ASP A 33 16.66 15.86 6.09
CA ASP A 33 15.59 15.94 7.14
C ASP A 33 14.19 15.41 6.68
N LYS A 37 10.63 21.59 6.19
CA LYS A 37 9.18 21.62 5.86
C LYS A 37 8.77 22.73 4.87
N LYS A 38 9.65 23.69 4.66
CA LYS A 38 9.49 24.67 3.61
C LYS A 38 10.22 24.18 2.36
N ILE A 39 11.02 23.13 2.52
CA ILE A 39 11.77 22.50 1.41
C ILE A 39 10.83 21.74 0.48
N PRO A 40 10.64 22.25 -0.76
CA PRO A 40 9.70 21.62 -1.68
C PRO A 40 10.24 20.38 -2.44
N ILE A 41 9.32 19.46 -2.70
CA ILE A 41 9.57 18.29 -3.49
C ILE A 41 9.59 18.85 -4.88
N SER A 42 10.55 18.39 -5.66
CA SER A 42 10.64 18.77 -7.04
C SER A 42 10.65 17.46 -7.87
N LEU A 43 9.81 17.35 -8.89
CA LEU A 43 9.69 16.12 -9.65
C LEU A 43 9.65 16.28 -11.17
N VAL A 44 10.75 15.98 -11.85
CA VAL A 44 10.67 15.88 -13.34
C VAL A 44 10.34 14.42 -13.71
N VAL A 45 9.37 14.20 -14.60
CA VAL A 45 9.03 12.82 -15.02
C VAL A 45 8.52 12.64 -16.45
N GLY A 46 9.24 11.85 -17.24
CA GLY A 46 8.73 11.38 -18.55
C GLY A 46 8.81 9.87 -18.67
N PHE A 47 8.30 9.32 -19.79
CA PHE A 47 8.67 7.95 -20.21
C PHE A 47 10.16 7.79 -20.60
N LYS A 48 10.85 6.79 -20.06
CA LYS A 48 12.19 6.44 -20.58
C LYS A 48 12.13 5.90 -22.01
N GLN A 49 13.26 6.01 -22.72
CA GLN A 49 13.31 5.72 -24.14
C GLN A 49 14.55 4.94 -24.60
N GLU A 50 14.30 3.99 -25.51
CA GLU A 50 15.29 3.51 -26.50
C GLU A 50 14.50 3.19 -27.78
N SER A 55 16.03 11.01 -29.97
CA SER A 55 16.93 10.62 -28.87
C SER A 55 16.28 10.81 -27.46
N SER A 56 16.24 12.07 -26.98
CA SER A 56 15.65 12.40 -25.67
C SER A 56 14.78 13.69 -25.67
N SER A 57 14.48 14.19 -24.46
CA SER A 57 13.20 14.82 -24.12
C SER A 57 13.03 16.34 -24.21
N SER A 58 11.78 16.80 -24.33
CA SER A 58 11.45 18.21 -24.14
C SER A 58 10.50 18.40 -22.94
N LEU A 59 10.42 19.63 -22.39
CA LEU A 59 9.58 19.94 -21.22
C LEU A 59 8.22 20.47 -21.65
N SER A 60 7.15 19.81 -21.21
CA SER A 60 5.81 20.08 -21.71
C SER A 60 4.95 20.93 -20.81
N CYS A 61 5.09 20.73 -19.52
CA CYS A 61 4.30 21.44 -18.53
C CYS A 61 5.03 21.45 -17.22
N TYR A 62 5.16 22.62 -16.62
CA TYR A 62 5.76 22.76 -15.30
C TYR A 62 4.58 23.17 -14.42
N TYR A 63 4.54 22.72 -13.16
CA TYR A 63 3.35 22.92 -12.29
C TYR A 63 3.68 22.98 -10.79
N TYR A 64 2.94 23.80 -10.06
CA TYR A 64 3.28 24.09 -8.65
C TYR A 64 2.06 23.93 -7.80
N ALA A 65 2.30 23.54 -6.55
CA ALA A 65 1.22 23.45 -5.58
C ALA A 65 1.75 23.52 -4.17
N ILE A 66 0.86 23.95 -3.29
CA ILE A 66 1.25 24.23 -1.92
C ILE A 66 0.00 23.98 -1.15
N PRO A 67 0.11 23.39 0.05
CA PRO A 67 -1.12 23.15 0.81
C PRO A 67 -1.55 24.39 1.61
N LEU A 68 -2.87 24.51 1.85
CA LEU A 68 -3.43 25.41 2.85
C LEU A 68 -3.17 24.86 4.28
N MET A 69 -3.06 25.75 5.28
CA MET A 69 -2.83 25.36 6.67
C MET A 69 -4.14 25.10 7.33
N ARG A 70 -4.16 24.46 8.50
CA ARG A 70 -5.42 24.50 9.28
C ARG A 70 -5.74 25.83 10.07
N ASP A 71 -5.06 26.96 9.77
CA ASP A 71 -5.55 28.35 10.00
C ASP A 71 -6.67 28.72 8.94
N ARG A 72 -7.85 28.05 9.01
CA ARG A 72 -8.89 28.17 7.90
C ARG A 72 -10.24 27.55 8.19
N SER A 81 -9.37 19.25 2.76
CA SER A 81 -7.93 19.23 3.07
C SER A 81 -7.21 19.80 1.85
N ASN A 82 -7.76 20.90 1.35
CA ASN A 82 -7.29 21.45 0.10
C ASN A 82 -5.82 21.92 -0.04
N VAL A 83 -5.48 22.16 -1.30
CA VAL A 83 -4.14 22.51 -1.74
C VAL A 83 -4.43 23.58 -2.80
N VAL A 84 -3.41 24.28 -3.24
CA VAL A 84 -3.65 25.34 -4.19
C VAL A 84 -2.44 25.34 -5.09
N GLY A 85 -2.66 25.61 -6.37
CA GLY A 85 -1.57 25.49 -7.33
C GLY A 85 -1.83 26.10 -8.68
N ILE A 86 -0.77 26.25 -9.45
CA ILE A 86 -0.82 27.04 -10.66
C ILE A 86 0.20 26.48 -11.69
N PRO A 87 -0.14 26.55 -12.99
CA PRO A 87 0.84 26.23 -14.04
C PRO A 87 1.99 27.22 -14.10
N LEU A 88 3.18 26.82 -13.69
CA LEU A 88 4.36 27.62 -13.90
C LEU A 88 4.63 27.74 -15.37
N LEU A 89 4.67 26.64 -16.09
CA LEU A 89 4.75 26.70 -17.53
C LEU A 89 3.59 25.88 -18.10
N ASP A 90 2.58 26.55 -18.62
CA ASP A 90 1.34 25.91 -19.02
C ASP A 90 1.53 25.29 -20.38
N THR A 91 0.48 24.62 -20.86
CA THR A 91 0.44 23.95 -22.17
C THR A 91 -0.98 23.87 -22.72
N LYS A 92 -1.06 23.72 -24.04
CA LYS A 92 -2.33 23.71 -24.77
C LYS A 92 -3.12 22.44 -24.48
N ASP A 93 -2.41 21.39 -24.13
CA ASP A 93 -2.93 20.05 -24.03
C ASP A 93 -3.52 19.72 -22.65
N ASP A 94 -4.81 19.39 -22.61
CA ASP A 94 -5.45 19.16 -21.33
C ASP A 94 -4.83 18.01 -20.59
N ARG A 95 -4.56 16.94 -21.33
CA ARG A 95 -4.08 15.74 -20.68
C ARG A 95 -2.80 16.02 -19.92
N ILE A 96 -1.86 16.75 -20.54
CA ILE A 96 -0.59 17.00 -19.88
C ILE A 96 -0.81 17.89 -18.63
N ARG A 97 -1.62 18.93 -18.79
CA ARG A 97 -1.96 19.83 -17.69
C ARG A 97 -2.54 19.05 -16.49
N ASP A 98 -3.68 18.41 -16.70
CA ASP A 98 -4.31 17.61 -15.66
C ASP A 98 -3.36 16.59 -15.03
N MET A 99 -2.54 15.92 -15.85
CA MET A 99 -1.61 14.92 -15.34
C MET A 99 -0.59 15.58 -14.39
N ALA A 100 0.00 16.70 -14.85
CA ALA A 100 0.94 17.50 -14.05
C ALA A 100 0.30 18.24 -12.84
N ARG A 101 -0.93 18.73 -13.02
CA ARG A 101 -1.66 19.29 -11.91
C ARG A 101 -1.97 18.22 -10.88
N HIS A 102 -2.74 17.22 -11.31
CA HIS A 102 -3.16 16.13 -10.46
C HIS A 102 -1.99 15.57 -9.67
N MET A 103 -0.88 15.34 -10.37
CA MET A 103 0.28 14.83 -9.71
C MET A 103 0.85 15.77 -8.62
N ALA A 104 0.74 17.08 -8.83
CA ALA A 104 1.32 18.05 -7.89
C ALA A 104 0.39 18.26 -6.71
N THR A 105 -0.90 18.41 -7.01
CA THR A 105 -1.97 18.42 -6.03
C THR A 105 -1.82 17.26 -5.04
N ILE A 106 -1.77 16.02 -5.53
CA ILE A 106 -1.75 14.88 -4.65
C ILE A 106 -0.46 14.83 -3.87
N ILE A 107 0.67 15.06 -4.53
CA ILE A 107 1.96 15.01 -3.82
C ILE A 107 1.98 15.97 -2.61
N SER A 108 1.56 17.21 -2.88
CA SER A 108 1.64 18.32 -1.94
C SER A 108 0.76 18.08 -0.76
N GLU A 109 -0.45 17.58 -1.03
CA GLU A 109 -1.36 17.17 0.02
C GLU A 109 -0.82 16.03 0.86
N ARG A 110 -0.28 14.99 0.22
CA ARG A 110 0.07 13.80 0.98
C ARG A 110 1.39 14.00 1.68
N PHE A 111 2.25 14.82 1.14
CA PHE A 111 3.51 15.04 1.81
C PHE A 111 3.57 16.32 2.62
N ASN A 112 2.43 17.02 2.70
CA ASN A 112 2.29 18.36 3.31
C ASN A 112 3.51 19.29 3.10
N ARG A 113 3.84 19.46 1.82
CA ARG A 113 4.96 20.27 1.36
C ARG A 113 4.53 20.88 0.06
N PRO A 114 5.15 22.01 -0.31
CA PRO A 114 4.94 22.41 -1.70
C PRO A 114 5.65 21.43 -2.67
N CYS A 115 5.11 21.27 -3.87
CA CYS A 115 5.89 20.57 -4.87
C CYS A 115 5.79 21.15 -6.28
N TYR A 116 6.93 21.05 -6.99
CA TYR A 116 7.04 21.46 -8.39
C TYR A 116 7.18 20.18 -9.20
N VAL A 117 6.31 20.01 -10.20
CA VAL A 117 6.30 18.82 -11.03
C VAL A 117 6.45 19.23 -12.49
N THR A 118 7.39 18.57 -13.18
CA THR A 118 7.49 18.68 -14.64
C THR A 118 7.04 17.38 -15.26
N TRP A 119 6.18 17.46 -16.26
CA TRP A 119 5.99 16.38 -17.18
C TRP A 119 6.82 16.64 -18.41
N SER A 120 7.80 15.76 -18.69
CA SER A 120 8.53 15.84 -19.97
C SER A 120 7.86 15.03 -21.09
N SER A 121 8.16 15.39 -22.32
CA SER A 121 7.66 14.67 -23.48
C SER A 121 8.75 14.25 -24.46
N LEU A 122 8.63 12.98 -24.90
CA LEU A 122 9.52 12.33 -25.89
C LEU A 122 9.23 12.82 -27.30
N PRO A 123 10.29 12.98 -28.13
CA PRO A 123 10.18 13.42 -29.51
C PRO A 123 8.80 13.19 -30.18
N SER A 124 8.38 11.99 -30.47
CA SER A 124 7.08 11.96 -31.10
C SER A 124 5.99 11.25 -30.32
N GLU A 125 6.21 11.14 -29.01
CA GLU A 125 5.21 10.67 -28.04
C GLU A 125 3.75 10.76 -28.48
N ASP A 126 3.09 9.61 -28.53
CA ASP A 126 1.67 9.52 -28.84
C ASP A 126 0.86 9.79 -27.57
N PRO A 127 -0.20 10.63 -27.70
CA PRO A 127 -1.17 10.98 -26.67
C PRO A 127 -1.62 9.83 -25.77
N SER A 128 -2.02 8.71 -26.39
CA SER A 128 -2.53 7.49 -25.71
C SER A 128 -1.62 7.05 -24.60
N MET A 129 -0.31 7.05 -24.86
CA MET A 129 0.63 6.66 -23.82
C MET A 129 0.37 7.32 -22.46
N LEU A 130 -0.08 8.59 -22.45
CA LEU A 130 -0.54 9.29 -21.24
C LEU A 130 -1.90 8.91 -20.68
N VAL A 131 -2.94 8.92 -21.53
CA VAL A 131 -4.33 8.54 -21.14
C VAL A 131 -4.27 7.16 -20.50
N ALA A 132 -3.46 6.30 -21.13
CA ALA A 132 -3.30 4.93 -20.71
C ALA A 132 -2.43 4.74 -19.44
N ASN A 133 -1.64 5.73 -19.09
CA ASN A 133 -0.80 5.60 -17.89
C ASN A 133 -0.88 6.67 -16.80
N HIS A 134 -1.85 7.60 -16.92
CA HIS A 134 -2.17 8.55 -15.85
C HIS A 134 -2.09 7.87 -14.46
N LEU A 135 -3.05 7.00 -14.14
CA LEU A 135 -3.16 6.45 -12.80
C LEU A 135 -1.91 5.76 -12.34
N TYR A 136 -1.26 5.07 -13.27
CA TYR A 136 -0.08 4.30 -12.96
C TYR A 136 1.11 5.20 -12.56
N ILE A 137 1.36 6.26 -13.34
CA ILE A 137 2.46 7.19 -13.04
C ILE A 137 2.33 7.88 -11.65
N LEU A 138 1.10 8.31 -11.32
CA LEU A 138 0.79 8.84 -10.01
C LEU A 138 1.26 7.87 -8.92
N LYS A 139 0.77 6.62 -8.98
CA LYS A 139 1.09 5.55 -8.01
C LYS A 139 2.57 5.27 -7.85
N LYS A 140 3.27 5.16 -8.98
CA LYS A 140 4.70 4.91 -8.93
C LYS A 140 5.45 6.14 -8.48
N CYS A 141 4.85 7.32 -8.58
CA CYS A 141 5.49 8.47 -8.01
C CYS A 141 5.21 8.64 -6.52
N LEU A 142 3.95 8.49 -6.13
CA LEU A 142 3.65 8.43 -4.73
C LEU A 142 4.55 7.38 -4.07
N ASP A 143 4.62 6.18 -4.65
CA ASP A 143 5.46 5.09 -4.07
C ASP A 143 6.90 5.52 -3.88
N LEU A 144 7.49 6.16 -4.87
CA LEU A 144 8.89 6.56 -4.82
C LEU A 144 9.20 7.56 -3.69
N LEU A 145 8.50 8.70 -3.74
CA LEU A 145 8.52 9.68 -2.67
C LEU A 145 8.25 9.03 -1.30
N LYS A 146 7.18 8.23 -1.23
CA LYS A 146 6.82 7.47 -0.03
C LYS A 146 7.98 6.63 0.54
N THR A 147 8.69 5.92 -0.33
CA THR A 147 9.93 5.21 0.04
C THR A 147 10.97 6.19 0.58
N GLU A 148 11.31 7.18 -0.25
CA GLU A 148 12.42 8.08 -0.01
C GLU A 148 12.26 9.13 1.11
N LEU A 149 11.08 9.16 1.73
CA LEU A 149 10.79 9.92 2.95
C LEU A 149 10.25 8.93 4.01
N GLY A 150 8.97 8.55 3.86
CA GLY A 150 8.28 7.71 4.83
C GLY A 150 6.76 7.79 4.74
N ILE B 2 18.41 15.25 -18.73
CA ILE B 2 19.87 15.33 -18.38
C ILE B 2 20.07 16.25 -17.16
N SER B 3 20.41 15.64 -16.03
CA SER B 3 20.57 16.37 -14.76
C SER B 3 22.04 16.67 -14.39
N TYR B 4 22.27 17.89 -13.92
CA TYR B 4 23.50 18.19 -13.20
C TYR B 4 23.10 18.94 -11.94
N GLU B 5 23.99 18.93 -10.95
CA GLU B 5 23.76 19.59 -9.66
C GLU B 5 25.02 19.83 -8.86
N PHE B 6 25.03 20.87 -8.04
CA PHE B 6 26.16 21.18 -7.16
C PHE B 6 25.68 21.81 -5.84
N GLN B 7 26.39 21.53 -4.75
CA GLN B 7 26.09 22.12 -3.45
C GLN B 7 27.33 22.75 -2.82
N THR B 8 27.16 23.96 -2.27
CA THR B 8 28.26 24.68 -1.59
C THR B 8 27.76 25.52 -0.38
N HIS B 9 28.68 26.28 0.22
CA HIS B 9 28.36 27.17 1.33
C HIS B 9 28.92 28.58 1.07
N LYS B 25 23.97 28.74 6.45
CA LYS B 25 23.14 29.09 5.29
C LYS B 25 23.76 28.61 3.97
N GLU B 26 23.20 27.51 3.44
CA GLU B 26 23.81 26.78 2.31
C GLU B 26 23.05 26.93 0.99
N LEU B 27 23.79 27.02 -0.12
CA LEU B 27 23.18 27.23 -1.42
C LEU B 27 23.24 25.95 -2.27
N TYR B 28 22.07 25.53 -2.75
CA TYR B 28 21.97 24.35 -3.60
C TYR B 28 21.57 24.73 -5.04
N VAL B 29 22.19 24.05 -6.01
CA VAL B 29 21.93 24.30 -7.43
C VAL B 29 21.61 22.96 -8.12
N GLN B 30 20.75 23.00 -9.14
CA GLN B 30 20.40 21.83 -9.93
C GLN B 30 19.84 22.31 -11.26
N ALA B 31 20.19 21.64 -12.35
CA ALA B 31 19.59 21.97 -13.64
C ALA B 31 19.11 20.72 -14.39
N THR B 32 18.21 20.91 -15.35
CA THR B 32 17.61 19.83 -16.11
C THR B 32 17.41 20.33 -17.53
N HIS B 33 18.13 19.75 -18.48
CA HIS B 33 18.07 20.21 -19.86
C HIS B 33 17.04 19.47 -20.72
N PHE B 34 16.51 20.14 -21.72
CA PHE B 34 15.52 19.56 -22.58
C PHE B 34 15.85 20.18 -23.94
N ASN B 35 15.19 19.74 -25.00
CA ASN B 35 15.32 20.36 -26.32
C ASN B 35 14.88 21.81 -26.32
N ASN B 36 13.85 22.10 -25.53
CA ASN B 36 13.13 23.36 -25.63
C ASN B 36 13.45 24.33 -24.50
N THR B 37 14.04 23.86 -23.41
CA THR B 37 14.35 24.76 -22.30
C THR B 37 15.34 24.18 -21.32
N ILE B 38 15.95 25.01 -20.49
CA ILE B 38 16.62 24.46 -19.33
C ILE B 38 15.70 24.73 -18.15
N LEU B 39 16.04 24.22 -16.98
CA LEU B 39 15.21 24.38 -15.81
C LEU B 39 16.10 24.28 -14.61
N LEU B 40 16.35 25.44 -13.99
CA LEU B 40 17.34 25.57 -12.93
C LEU B 40 16.66 25.84 -11.58
N GLN B 41 17.15 25.19 -10.56
CA GLN B 41 16.66 25.44 -9.24
C GLN B 41 17.81 26.09 -8.51
N ILE B 42 17.53 27.14 -7.76
CA ILE B 42 18.54 27.68 -6.88
C ILE B 42 17.93 27.73 -5.50
N ARG B 43 18.33 26.81 -4.63
CA ARG B 43 17.69 26.69 -3.32
C ARG B 43 18.57 27.28 -2.23
N LEU B 44 17.93 27.85 -1.22
CA LEU B 44 18.66 28.39 -0.07
C LEU B 44 18.16 27.72 1.19
N ASN B 45 19.02 26.93 1.84
CA ASN B 45 18.61 26.02 2.92
C ASN B 45 17.39 25.26 2.50
N GLY B 46 17.46 24.73 1.27
CA GLY B 46 16.47 23.83 0.72
C GLY B 46 15.27 24.56 0.18
N GLU B 47 15.28 25.88 0.29
CA GLU B 47 14.08 26.70 0.05
C GLU B 47 14.09 27.27 -1.33
N MET B 48 12.89 27.39 -1.88
CA MET B 48 12.69 27.80 -3.25
C MET B 48 11.26 28.24 -3.21
N ASP B 49 10.95 29.40 -3.78
CA ASP B 49 9.57 29.93 -3.70
C ASP B 49 9.14 30.81 -4.85
N SER B 50 10.05 31.14 -5.76
CA SER B 50 9.75 32.00 -6.90
C SER B 50 10.11 31.39 -8.24
N THR B 51 9.39 31.77 -9.29
CA THR B 51 9.63 31.18 -10.60
C THR B 51 9.54 32.21 -11.71
N TYR B 52 10.69 32.38 -12.36
CA TYR B 52 10.83 33.27 -13.53
C TYR B 52 11.19 32.49 -14.79
N GLU B 53 10.67 32.95 -15.93
CA GLU B 53 10.98 32.42 -17.24
C GLU B 53 11.77 33.47 -18.00
N VAL B 54 13.01 33.16 -18.36
CA VAL B 54 13.88 34.10 -19.08
C VAL B 54 14.02 33.67 -20.54
N SER B 55 13.01 33.88 -21.37
CA SER B 55 13.14 33.53 -22.77
C SER B 55 13.53 34.72 -23.64
N SER B 56 14.11 34.45 -24.81
CA SER B 56 14.60 35.50 -25.71
C SER B 56 13.80 35.53 -27.01
N LYS B 57 13.76 36.72 -27.61
CA LYS B 57 12.98 36.99 -28.82
C LYS B 57 13.51 36.36 -30.12
N GLY B 58 14.36 35.32 -30.00
CA GLY B 58 15.19 34.88 -31.12
C GLY B 58 16.49 35.68 -31.14
N LEU B 59 16.53 36.75 -31.96
CA LEU B 59 17.66 37.72 -31.99
C LEU B 59 17.55 38.81 -30.91
N TYR B 65 16.59 39.48 -24.45
CA TYR B 65 16.00 38.77 -23.31
C TYR B 65 14.68 39.37 -22.83
N GLN B 66 13.84 38.57 -22.21
CA GLN B 66 12.49 39.02 -21.91
C GLN B 66 11.90 38.21 -20.75
N VAL B 67 12.29 38.55 -19.51
CA VAL B 67 11.82 37.90 -18.29
C VAL B 67 10.31 37.97 -18.05
N VAL B 68 9.71 36.88 -17.63
CA VAL B 68 8.29 36.86 -17.30
C VAL B 68 8.12 36.22 -15.94
N THR B 69 7.29 36.80 -15.08
CA THR B 69 7.16 36.30 -13.72
C THR B 69 6.02 35.33 -13.59
N LYS B 70 6.35 34.11 -13.17
CA LYS B 70 5.36 33.06 -13.10
C LYS B 70 4.78 32.99 -11.69
N LEU B 71 5.67 33.05 -10.68
CA LEU B 71 5.27 33.22 -9.30
C LEU B 71 6.32 33.97 -8.54
N GLY B 72 5.94 35.13 -8.00
CA GLY B 72 6.79 35.91 -7.10
C GLY B 72 6.53 37.39 -7.18
N ASP B 73 7.49 38.19 -6.72
CA ASP B 73 7.41 39.62 -6.84
C ASP B 73 7.84 40.12 -8.22
N SER B 74 6.87 40.35 -9.10
CA SER B 74 7.17 40.76 -10.48
C SER B 74 7.63 42.19 -10.59
N ALA B 75 7.63 42.93 -9.49
CA ALA B 75 8.02 44.33 -9.56
C ALA B 75 9.36 44.60 -8.88
N ASP B 76 9.99 43.57 -8.30
CA ASP B 76 11.33 43.68 -7.72
C ASP B 76 12.33 43.94 -8.85
N PRO B 77 13.03 45.10 -8.81
CA PRO B 77 13.97 45.44 -9.89
C PRO B 77 15.27 44.60 -9.84
N LYS B 78 15.60 44.06 -8.67
CA LYS B 78 16.73 43.13 -8.53
C LYS B 78 16.55 41.89 -9.40
N VAL B 79 15.29 41.49 -9.61
CA VAL B 79 14.98 40.26 -10.34
C VAL B 79 15.53 40.19 -11.77
N PRO B 80 14.95 40.92 -12.74
CA PRO B 80 15.47 40.72 -14.09
C PRO B 80 16.99 40.89 -14.22
N VAL B 81 17.66 41.41 -13.21
CA VAL B 81 19.10 41.58 -13.30
C VAL B 81 19.79 40.25 -13.11
N VAL B 82 19.45 39.57 -12.01
CA VAL B 82 19.89 38.21 -11.69
C VAL B 82 19.54 37.21 -12.81
N CYS B 83 18.31 37.31 -13.30
CA CYS B 83 17.89 36.48 -14.39
C CYS B 83 18.74 36.68 -15.62
N VAL B 84 18.91 37.92 -16.07
CA VAL B 84 19.55 38.16 -17.36
C VAL B 84 21.04 37.83 -17.28
N GLN B 85 21.59 38.04 -16.10
CA GLN B 85 22.91 37.52 -15.79
C GLN B 85 23.01 36.02 -16.03
N ILE B 86 22.20 35.24 -15.29
CA ILE B 86 22.18 33.78 -15.39
C ILE B 86 21.99 33.36 -16.85
N ALA B 87 21.13 34.08 -17.56
CA ALA B 87 20.84 33.78 -18.96
C ALA B 87 22.06 33.95 -19.88
N GLU B 88 22.93 34.91 -19.55
CA GLU B 88 24.19 35.12 -20.28
C GLU B 88 25.22 34.06 -19.94
N LEU B 89 25.40 33.82 -18.65
CA LEU B 89 26.25 32.71 -18.21
C LEU B 89 25.98 31.45 -19.04
N TYR B 90 24.73 31.16 -19.35
CA TYR B 90 24.40 30.11 -20.34
C TYR B 90 24.76 30.62 -21.73
N ARG B 91 23.77 31.10 -22.50
CA ARG B 91 23.95 31.57 -23.90
C ARG B 91 25.37 31.79 -24.42
N ARG B 92 26.23 32.42 -23.62
CA ARG B 92 27.57 32.77 -24.06
C ARG B 92 28.66 32.45 -23.03
N VAL B 93 28.71 31.24 -22.52
CA VAL B 93 29.86 30.75 -21.71
C VAL B 93 29.74 29.29 -21.24
N ILE B 94 28.59 28.66 -21.46
CA ILE B 94 28.32 27.36 -20.87
C ILE B 94 27.95 26.31 -21.88
N LEU B 95 27.40 26.74 -23.00
CA LEU B 95 26.98 25.79 -24.04
C LEU B 95 28.04 25.60 -25.15
N PRO B 96 28.62 24.36 -25.27
CA PRO B 96 28.44 23.16 -24.41
C PRO B 96 29.63 22.91 -23.47
N GLN B 108 13.73 30.07 -29.46
CA GLN B 108 15.08 29.66 -29.82
C GLN B 108 16.04 29.64 -28.60
N PHE B 109 15.67 30.33 -27.52
CA PHE B 109 16.33 30.15 -26.20
C PHE B 109 15.38 30.38 -25.02
N SER B 110 15.47 29.50 -24.04
CA SER B 110 14.50 29.47 -22.96
C SER B 110 15.05 28.83 -21.69
N LEU B 111 15.05 29.59 -20.60
CA LEU B 111 15.44 29.07 -19.29
C LEU B 111 14.25 29.26 -18.32
N LEU B 112 14.12 28.38 -17.33
CA LEU B 112 13.15 28.56 -16.25
C LEU B 112 13.92 28.51 -14.94
N ILE B 113 13.76 29.55 -14.11
CA ILE B 113 14.50 29.60 -12.87
C ILE B 113 13.49 29.48 -11.74
N SER B 114 13.83 28.69 -10.73
CA SER B 114 13.04 28.64 -9.51
C SER B 114 14.00 28.88 -8.37
N MET B 115 13.71 29.86 -7.51
CA MET B 115 14.67 30.23 -6.48
C MET B 115 14.08 30.72 -5.20
N SER B 116 14.90 30.70 -4.15
CA SER B 116 14.60 31.38 -2.88
C SER B 116 14.75 32.87 -3.04
N SER B 117 13.65 33.60 -2.82
CA SER B 117 13.65 35.04 -3.02
C SER B 117 14.50 35.65 -1.93
N LYS B 118 14.56 34.93 -0.81
CA LYS B 118 15.36 35.28 0.36
C LYS B 118 16.86 35.54 0.10
N ILE B 119 17.36 35.28 -1.11
CA ILE B 119 18.77 35.55 -1.40
C ILE B 119 19.09 37.07 -1.45
N TRP B 120 18.06 37.88 -1.75
CA TRP B 120 18.18 39.34 -1.83
C TRP B 120 16.97 40.02 -1.16
N ASN B 131 28.51 42.46 -1.22
CA ASN B 131 27.48 41.45 -1.48
C ASN B 131 26.18 42.01 -2.07
N ASP B 132 25.32 41.12 -2.55
CA ASP B 132 24.15 41.44 -3.38
C ASP B 132 24.57 41.67 -4.83
N PHE B 133 25.86 41.88 -5.01
CA PHE B 133 26.51 41.73 -6.31
C PHE B 133 27.52 40.65 -6.03
N GLY B 134 28.12 40.72 -4.84
CA GLY B 134 28.94 39.63 -4.30
C GLY B 134 28.16 38.33 -4.27
N LYS B 135 26.88 38.42 -3.92
CA LYS B 135 25.98 37.27 -3.92
C LYS B 135 25.77 36.72 -5.35
N LEU B 136 25.23 37.53 -6.25
CA LEU B 136 25.06 37.11 -7.64
C LEU B 136 26.30 36.45 -8.23
N VAL B 137 27.49 36.88 -7.81
CA VAL B 137 28.73 36.31 -8.34
C VAL B 137 28.97 34.89 -7.81
N PHE B 138 28.65 34.67 -6.55
CA PHE B 138 28.74 33.35 -5.91
C PHE B 138 27.78 32.33 -6.54
N VAL B 139 26.51 32.71 -6.67
CA VAL B 139 25.49 31.88 -7.30
C VAL B 139 25.95 31.49 -8.69
N LEU B 140 26.51 32.45 -9.44
CA LEU B 140 26.90 32.22 -10.81
C LEU B 140 28.11 31.29 -10.91
N LYS B 141 28.99 31.34 -9.92
CA LYS B 141 30.12 30.43 -9.90
C LYS B 141 29.65 29.04 -9.45
N CYS B 142 28.66 28.99 -8.56
CA CYS B 142 27.96 27.75 -8.20
C CYS B 142 27.26 27.05 -9.39
N ILE B 143 26.71 27.83 -10.32
CA ILE B 143 26.11 27.28 -11.53
C ILE B 143 27.17 26.65 -12.45
N LYS B 144 28.33 27.28 -12.57
CA LYS B 144 29.42 26.70 -13.38
C LYS B 144 30.13 25.48 -12.74
N ASP B 145 29.99 25.32 -11.43
CA ASP B 145 30.61 24.21 -10.68
C ASP B 145 29.89 22.88 -10.79
N MET B 146 28.81 22.85 -11.58
CA MET B 146 28.12 21.63 -11.91
C MET B 146 28.04 21.58 -13.44
N TYR B 147 28.86 22.41 -14.09
CA TYR B 147 28.87 22.57 -15.55
C TYR B 147 27.47 22.82 -16.14
N ALA B 148 26.58 23.35 -15.28
CA ALA B 148 25.31 23.99 -15.65
C ALA B 148 24.28 23.14 -16.40
N LEU C 35 -21.76 43.36 -19.49
CA LEU C 35 -22.90 43.60 -18.55
C LEU C 35 -22.54 43.21 -17.09
N GLY C 36 -21.52 43.90 -16.49
CA GLY C 36 -21.00 43.60 -15.12
C GLY C 36 -21.91 43.99 -13.95
N SER C 37 -21.93 43.21 -12.86
CA SER C 37 -22.78 43.48 -11.66
C SER C 37 -22.14 44.28 -10.51
N THR C 38 -22.99 44.91 -9.71
CA THR C 38 -22.58 45.95 -8.76
C THR C 38 -21.74 45.38 -7.64
N ALA C 39 -20.68 46.12 -7.27
CA ALA C 39 -19.78 45.76 -6.18
C ALA C 39 -19.20 47.05 -5.62
N ILE C 40 -19.15 47.19 -4.29
CA ILE C 40 -18.73 48.43 -3.64
C ILE C 40 -17.74 48.24 -2.48
N GLY C 41 -16.69 49.06 -2.48
CA GLY C 41 -15.72 49.10 -1.41
C GLY C 41 -15.44 50.50 -0.85
N ILE C 42 -15.30 50.59 0.46
CA ILE C 42 -15.04 51.82 1.16
C ILE C 42 -13.96 51.51 2.19
N ALA C 43 -12.80 52.15 2.08
CA ALA C 43 -11.72 52.03 3.04
C ALA C 43 -11.96 53.00 4.21
N THR C 44 -11.51 52.63 5.41
CA THR C 44 -11.56 53.51 6.57
C THR C 44 -10.30 53.28 7.35
N LYS C 45 -10.15 53.90 8.51
CA LYS C 45 -8.98 53.65 9.34
C LYS C 45 -9.23 52.47 10.29
N GLU C 46 -10.44 51.90 10.26
CA GLU C 46 -10.75 50.72 11.04
C GLU C 46 -11.48 49.64 10.18
N GLY C 47 -10.85 49.23 9.08
CA GLY C 47 -11.43 48.23 8.17
C GLY C 47 -11.88 48.72 6.82
N VAL C 48 -11.72 47.87 5.79
CA VAL C 48 -12.28 48.09 4.45
C VAL C 48 -13.55 47.24 4.31
N VAL C 49 -14.54 47.73 3.60
CA VAL C 49 -15.82 47.05 3.53
C VAL C 49 -16.22 46.70 2.10
N LEU C 50 -16.34 45.42 1.78
CA LEU C 50 -16.80 45.04 0.44
C LEU C 50 -18.23 44.60 0.51
N GLY C 51 -19.05 45.13 -0.41
CA GLY C 51 -20.46 44.78 -0.50
C GLY C 51 -20.84 44.54 -1.95
N VAL C 52 -21.76 43.61 -2.16
CA VAL C 52 -22.15 43.29 -3.53
C VAL C 52 -23.64 43.08 -3.63
N GLU C 53 -24.09 43.08 -4.88
CA GLU C 53 -25.43 42.66 -5.23
C GLU C 53 -25.39 41.14 -5.43
N LYS C 54 -26.03 40.42 -4.52
CA LYS C 54 -26.03 38.97 -4.56
C LYS C 54 -26.69 38.48 -5.85
N ARG C 55 -27.80 39.13 -6.22
CA ARG C 55 -28.48 38.97 -7.51
C ARG C 55 -27.47 39.03 -8.67
N GLU C 67 -21.89 33.60 -5.79
CA GLU C 67 -20.73 33.84 -4.91
C GLU C 67 -19.74 34.88 -5.46
N LYS C 68 -19.80 36.10 -4.92
CA LYS C 68 -19.14 37.25 -5.54
C LYS C 68 -18.12 37.94 -4.63
N ILE C 69 -18.04 37.49 -3.39
CA ILE C 69 -16.99 37.96 -2.52
C ILE C 69 -16.29 36.70 -2.06
N VAL C 70 -14.99 36.65 -2.27
CA VAL C 70 -14.20 35.46 -2.04
C VAL C 70 -12.93 35.86 -1.30
N GLU C 71 -12.43 35.01 -0.41
CA GLU C 71 -11.21 35.31 0.30
C GLU C 71 -9.95 34.86 -0.46
N ILE C 72 -8.95 35.73 -0.51
CA ILE C 72 -7.65 35.41 -1.09
C ILE C 72 -6.72 34.98 0.03
N ASP C 73 -6.75 35.72 1.13
CA ASP C 73 -6.02 35.32 2.32
C ASP C 73 -6.72 35.90 3.54
N ARG C 74 -6.22 35.57 4.73
CA ARG C 74 -6.96 35.88 5.93
C ARG C 74 -7.08 37.43 6.07
N HIS C 75 -6.09 38.11 5.47
CA HIS C 75 -5.99 39.56 5.49
C HIS C 75 -6.34 40.27 4.17
N ILE C 76 -7.12 39.67 3.28
CA ILE C 76 -7.37 40.18 1.93
C ILE C 76 -8.56 39.47 1.33
N GLY C 77 -9.64 40.18 1.07
CA GLY C 77 -10.73 39.60 0.35
C GLY C 77 -10.74 40.22 -1.02
N CYS C 78 -11.73 39.87 -1.84
CA CYS C 78 -12.01 40.61 -3.02
C CYS C 78 -13.44 40.36 -3.47
N ALA C 79 -14.02 41.36 -4.12
CA ALA C 79 -15.38 41.27 -4.66
C ALA C 79 -15.29 41.42 -6.16
N MET C 80 -16.16 40.72 -6.88
CA MET C 80 -16.08 40.71 -8.34
C MET C 80 -17.42 40.96 -9.03
N SER C 81 -17.32 41.42 -10.28
CA SER C 81 -18.47 41.87 -11.05
C SER C 81 -19.33 40.72 -11.56
N THR C 84 -17.61 35.62 -14.05
CA THR C 84 -17.46 35.43 -12.61
C THR C 84 -17.18 33.94 -12.35
N ALA C 85 -16.70 33.28 -13.40
CA ALA C 85 -16.16 31.91 -13.35
C ALA C 85 -14.86 31.85 -14.14
N ASP C 86 -14.54 32.96 -14.82
CA ASP C 86 -13.24 33.23 -15.47
C ASP C 86 -12.23 33.62 -14.41
N ALA C 87 -12.77 33.77 -13.20
CA ALA C 87 -12.03 34.20 -12.05
C ALA C 87 -11.27 33.08 -11.38
N ARG C 88 -11.81 31.84 -11.39
CA ARG C 88 -11.24 30.74 -10.57
C ARG C 88 -9.73 30.70 -10.72
N SER C 89 -9.24 31.04 -11.90
CA SER C 89 -7.81 31.00 -12.19
C SER C 89 -7.04 32.14 -11.56
N MET C 90 -7.63 33.34 -11.57
CA MET C 90 -7.02 34.50 -10.91
C MET C 90 -7.02 34.33 -9.41
N ILE C 91 -8.20 33.95 -8.89
CA ILE C 91 -8.33 33.60 -7.49
C ILE C 91 -7.33 32.52 -7.09
N GLU C 92 -7.27 31.43 -7.86
CA GLU C 92 -6.38 30.36 -7.47
C GLU C 92 -4.97 30.92 -7.45
N HIS C 93 -4.63 31.73 -8.44
CA HIS C 93 -3.30 32.29 -8.55
C HIS C 93 -2.89 33.19 -7.38
N ALA C 94 -3.68 34.27 -7.20
CA ALA C 94 -3.76 35.09 -5.99
C ALA C 94 -3.47 34.29 -4.70
N ARG C 95 -4.34 33.32 -4.41
CA ARG C 95 -4.18 32.42 -3.24
C ARG C 95 -2.80 31.73 -3.20
N THR C 96 -2.40 31.17 -4.31
CA THR C 96 -1.10 30.56 -4.40
C THR C 96 -0.01 31.55 -4.01
N ALA C 97 -0.11 32.79 -4.53
CA ALA C 97 0.91 33.82 -4.26
C ALA C 97 0.91 34.15 -2.77
N ALA C 98 -0.30 34.40 -2.25
CA ALA C 98 -0.50 34.73 -0.87
C ALA C 98 0.12 33.66 0.02
N VAL C 99 -0.28 32.40 -0.20
CA VAL C 99 0.15 31.28 0.66
C VAL C 99 1.65 31.02 0.58
N THR C 100 2.20 31.08 -0.62
CA THR C 100 3.61 30.88 -0.83
C THR C 100 4.36 31.93 -0.02
N HIS C 101 4.02 33.21 -0.21
CA HIS C 101 4.71 34.27 0.48
C HIS C 101 4.65 34.04 2.00
N ASN C 102 3.43 33.74 2.44
CA ASN C 102 3.20 33.55 3.85
C ASN C 102 4.01 32.43 4.44
N LEU C 103 3.91 31.24 3.85
CA LEU C 103 4.75 30.11 4.24
C LEU C 103 6.25 30.44 4.31
N TYR C 104 6.79 31.00 3.27
CA TYR C 104 8.21 31.33 3.33
C TYR C 104 8.61 32.51 4.29
N TYR C 105 7.68 33.45 4.53
CA TYR C 105 8.05 34.64 5.30
C TYR C 105 7.43 34.72 6.67
N ASP C 106 6.40 33.90 6.88
CA ASP C 106 5.66 33.87 8.12
C ASP C 106 5.05 35.26 8.41
N GLU C 107 4.45 35.88 7.39
CA GLU C 107 3.73 37.15 7.55
C GLU C 107 2.69 37.30 6.45
N ASP C 108 1.75 38.23 6.60
CA ASP C 108 0.81 38.54 5.52
C ASP C 108 1.52 39.13 4.31
N ILE C 109 1.05 38.81 3.12
CA ILE C 109 1.60 39.44 1.94
C ILE C 109 1.03 40.85 1.86
N ASN C 110 1.88 41.74 1.37
CA ASN C 110 1.58 43.07 0.93
C ASN C 110 0.48 43.10 -0.11
N VAL C 111 -0.68 43.62 0.25
CA VAL C 111 -1.81 43.73 -0.63
C VAL C 111 -1.45 44.37 -1.96
N GLU C 112 -0.45 45.25 -2.00
CA GLU C 112 -0.12 45.87 -3.30
C GLU C 112 0.59 44.86 -4.18
N SER C 113 1.59 44.19 -3.62
CA SER C 113 2.23 43.08 -4.26
C SER C 113 1.24 42.02 -4.74
N LEU C 114 0.29 41.63 -3.88
CA LEU C 114 -0.73 40.69 -4.29
C LEU C 114 -1.50 41.20 -5.51
N THR C 115 -1.85 42.48 -5.53
CA THR C 115 -2.64 42.99 -6.63
C THR C 115 -1.79 43.12 -7.88
N GLN C 116 -0.48 43.32 -7.70
CA GLN C 116 0.44 43.35 -8.83
C GLN C 116 0.44 41.93 -9.46
N SER C 117 0.62 40.92 -8.61
CA SER C 117 0.64 39.51 -9.02
C SER C 117 -0.58 39.06 -9.82
N VAL C 118 -1.78 39.53 -9.48
CA VAL C 118 -2.98 39.12 -10.20
C VAL C 118 -3.16 39.92 -11.49
N CYS C 119 -2.59 41.12 -11.53
CA CYS C 119 -2.75 42.00 -12.66
C CYS C 119 -1.80 41.61 -13.76
N ASP C 120 -0.60 41.21 -13.34
CA ASP C 120 0.42 40.62 -14.18
C ASP C 120 -0.13 39.48 -15.02
N LEU C 121 -0.95 38.66 -14.37
CA LEU C 121 -1.51 37.47 -14.99
C LEU C 121 -2.34 37.90 -16.18
N ALA C 122 -3.21 38.88 -16.01
CA ALA C 122 -3.97 39.44 -17.13
C ALA C 122 -3.07 40.17 -18.15
N LEU C 123 -2.09 40.93 -17.65
CA LEU C 123 -1.15 41.69 -18.49
C LEU C 123 -0.51 40.86 -19.59
N ARG C 124 -0.29 39.57 -19.30
CA ARG C 124 0.14 38.60 -20.30
C ARG C 124 -1.15 37.90 -20.72
N PHE C 125 -1.94 38.56 -21.56
CA PHE C 125 -3.37 38.23 -21.73
C PHE C 125 -3.68 36.79 -22.14
N VAL C 142 -13.34 38.67 -13.87
CA VAL C 142 -12.32 39.36 -14.68
C VAL C 142 -11.95 40.80 -14.15
N ALA C 143 -12.97 41.59 -13.75
CA ALA C 143 -12.81 42.89 -13.01
C ALA C 143 -12.92 42.78 -11.46
N LEU C 144 -11.93 43.32 -10.74
CA LEU C 144 -11.79 43.08 -9.28
C LEU C 144 -11.73 44.26 -8.32
N LEU C 145 -12.35 44.09 -7.15
CA LEU C 145 -12.16 44.99 -6.04
C LEU C 145 -11.42 44.26 -4.96
N ILE C 146 -10.10 44.44 -4.88
CA ILE C 146 -9.27 43.76 -3.88
C ILE C 146 -9.14 44.66 -2.67
N ALA C 147 -9.36 44.11 -1.48
CA ALA C 147 -9.30 44.91 -0.25
C ALA C 147 -8.50 44.21 0.81
N GLY C 148 -7.50 44.87 1.37
CA GLY C 148 -6.77 44.24 2.45
C GLY C 148 -6.08 45.13 3.44
N HIS C 149 -5.70 44.55 4.57
CA HIS C 149 -4.88 45.25 5.52
C HIS C 149 -3.49 44.68 5.54
N ASP C 150 -2.50 45.56 5.43
CA ASP C 150 -1.16 45.11 5.74
C ASP C 150 -0.46 46.09 6.66
N ALA C 151 0.81 45.86 6.96
CA ALA C 151 1.52 46.56 8.00
C ALA C 151 2.43 47.53 7.30
N ASP C 152 2.19 47.69 6.01
CA ASP C 152 3.00 48.58 5.22
C ASP C 152 2.25 49.86 4.97
N ASP C 153 0.99 49.76 4.55
CA ASP C 153 0.21 50.92 4.23
C ASP C 153 -1.21 50.75 4.76
N GLY C 154 -1.35 50.03 5.88
CA GLY C 154 -2.63 49.73 6.52
C GLY C 154 -3.76 49.44 5.56
N TYR C 155 -4.94 49.92 5.86
CA TYR C 155 -6.09 49.61 5.02
C TYR C 155 -5.90 50.14 3.59
N GLN C 156 -6.27 49.35 2.58
CA GLN C 156 -5.98 49.69 1.22
C GLN C 156 -7.09 49.08 0.44
N LEU C 157 -7.38 49.68 -0.70
CA LEU C 157 -8.46 49.24 -1.56
C LEU C 157 -7.93 49.44 -2.97
N PHE C 158 -8.15 48.47 -3.85
CA PHE C 158 -7.66 48.58 -5.20
C PHE C 158 -8.75 48.20 -6.15
N HIS C 159 -8.64 48.71 -7.38
CA HIS C 159 -9.54 48.30 -8.45
C HIS C 159 -8.69 47.68 -9.54
N ALA C 160 -9.07 46.47 -9.96
CA ALA C 160 -8.29 45.71 -10.94
C ALA C 160 -9.15 45.46 -12.16
N GLU C 161 -8.73 46.05 -13.27
CA GLU C 161 -9.42 45.95 -14.55
C GLU C 161 -9.01 44.73 -15.35
N PRO C 162 -9.95 44.20 -16.18
CA PRO C 162 -9.63 43.00 -16.98
C PRO C 162 -8.33 43.22 -17.80
N SER C 163 -8.09 44.48 -18.20
CA SER C 163 -6.85 44.89 -18.85
C SER C 163 -5.58 44.49 -18.10
N GLY C 164 -5.68 44.40 -16.76
CA GLY C 164 -4.51 44.18 -15.91
C GLY C 164 -3.89 45.47 -15.37
N THR C 165 -4.55 46.58 -15.63
CA THR C 165 -4.20 47.82 -14.92
C THR C 165 -5.02 47.88 -13.63
N PHE C 166 -4.36 48.37 -12.57
CA PHE C 166 -5.01 48.55 -11.26
C PHE C 166 -4.72 49.92 -10.66
N TYR C 167 -5.67 50.44 -9.90
CA TYR C 167 -5.45 51.69 -9.18
C TYR C 167 -5.94 51.63 -7.74
N ARG C 168 -5.29 52.43 -6.89
CA ARG C 168 -5.72 52.62 -5.51
C ARG C 168 -6.95 53.53 -5.43
N TYR C 169 -7.75 53.28 -4.42
CA TYR C 169 -8.92 54.10 -4.13
C TYR C 169 -9.19 54.02 -2.63
N ASN C 170 -10.24 54.72 -2.21
CA ASN C 170 -10.65 54.82 -0.83
C ASN C 170 -12.15 54.59 -0.80
N ALA C 171 -12.76 54.62 -1.97
CA ALA C 171 -14.12 54.26 -2.16
C ALA C 171 -14.19 53.92 -3.64
N LYS C 172 -14.98 52.93 -4.01
CA LYS C 172 -15.07 52.51 -5.42
C LYS C 172 -16.23 51.59 -5.70
N ALA C 173 -16.84 51.79 -6.87
CA ALA C 173 -18.00 51.03 -7.27
C ALA C 173 -17.75 50.58 -8.71
N ILE C 174 -18.06 49.31 -8.98
CA ILE C 174 -17.88 48.70 -10.30
C ILE C 174 -19.15 47.91 -10.60
N GLY C 175 -19.49 47.74 -11.87
CA GLY C 175 -20.77 47.11 -12.22
C GLY C 175 -21.88 48.06 -12.66
N SER C 176 -23.14 47.66 -12.49
CA SER C 176 -24.22 48.24 -13.30
C SER C 176 -24.68 49.65 -12.89
N GLY C 177 -24.81 49.88 -11.59
CA GLY C 177 -25.10 51.24 -11.16
C GLY C 177 -23.85 51.92 -10.64
N SER C 178 -22.75 51.86 -11.40
CA SER C 178 -21.46 52.24 -10.83
C SER C 178 -20.95 53.63 -11.15
N GLU C 179 -21.45 54.25 -12.24
CA GLU C 179 -21.29 55.72 -12.39
C GLU C 179 -22.26 56.43 -11.42
N GLY C 180 -23.47 55.87 -11.29
CA GLY C 180 -24.44 56.32 -10.30
C GLY C 180 -23.82 56.41 -8.92
N ALA C 181 -23.44 55.26 -8.40
CA ALA C 181 -22.87 55.16 -7.05
C ALA C 181 -21.57 55.96 -6.81
N GLN C 182 -20.67 55.98 -7.78
CA GLN C 182 -19.34 56.58 -7.60
C GLN C 182 -19.43 58.08 -7.26
N ALA C 183 -20.44 58.77 -7.80
CA ALA C 183 -20.76 60.16 -7.44
C ALA C 183 -21.09 60.26 -5.93
N GLU C 184 -22.12 59.53 -5.51
CA GLU C 184 -22.47 59.45 -4.09
C GLU C 184 -21.29 59.06 -3.22
N LEU C 185 -20.46 58.13 -3.68
CA LEU C 185 -19.28 57.79 -2.92
C LEU C 185 -18.44 59.03 -2.74
N LEU C 186 -18.20 59.71 -3.86
CA LEU C 186 -17.25 60.82 -3.95
C LEU C 186 -17.57 61.92 -2.95
N ASN C 187 -18.84 62.29 -2.84
CA ASN C 187 -19.18 63.37 -1.93
C ASN C 187 -19.64 62.91 -0.55
N GLU C 188 -19.29 61.69 -0.16
CA GLU C 188 -19.59 61.21 1.20
C GLU C 188 -18.39 60.59 1.87
N TRP C 189 -17.39 60.22 1.09
CA TRP C 189 -16.23 59.60 1.70
C TRP C 189 -15.33 60.65 2.41
N HIS C 190 -14.86 60.33 3.59
CA HIS C 190 -13.81 61.14 4.20
C HIS C 190 -13.04 60.28 5.20
N SER C 191 -11.84 60.74 5.56
CA SER C 191 -10.88 59.89 6.17
C SER C 191 -11.08 59.79 7.66
N SER C 192 -12.32 59.89 8.09
CA SER C 192 -12.55 59.80 9.52
C SER C 192 -13.77 58.95 9.81
N LEU C 193 -14.54 58.65 8.74
CA LEU C 193 -15.53 57.58 8.72
C LEU C 193 -15.08 56.39 9.56
N THR C 194 -16.03 55.89 10.33
CA THR C 194 -15.85 54.70 11.15
C THR C 194 -16.24 53.51 10.28
N LEU C 195 -15.92 52.30 10.74
CA LEU C 195 -16.27 51.07 10.01
C LEU C 195 -17.78 50.94 9.91
N LYS C 196 -18.47 51.21 11.02
CA LYS C 196 -19.92 51.15 11.04
C LYS C 196 -20.57 52.20 10.13
N GLU C 197 -19.97 53.39 10.04
CA GLU C 197 -20.49 54.37 9.09
C GLU C 197 -20.41 53.78 7.68
N ALA C 198 -19.19 53.34 7.32
CA ALA C 198 -18.86 52.71 6.02
C ALA C 198 -19.77 51.53 5.69
N GLU C 199 -19.89 50.58 6.65
CA GLU C 199 -20.88 49.50 6.57
C GLU C 199 -22.24 50.03 6.09
N LEU C 200 -22.75 51.04 6.81
CA LEU C 200 -24.05 51.64 6.51
C LEU C 200 -24.03 52.37 5.18
N LEU C 201 -22.94 53.08 4.94
CA LEU C 201 -22.80 53.82 3.71
C LEU C 201 -22.95 52.93 2.47
N VAL C 202 -22.20 51.82 2.47
CA VAL C 202 -22.29 50.79 1.41
C VAL C 202 -23.71 50.27 1.23
N LEU C 203 -24.34 49.84 2.33
CA LEU C 203 -25.73 49.43 2.28
C LEU C 203 -26.61 50.47 1.59
N LYS C 204 -26.44 51.74 1.93
CA LYS C 204 -27.26 52.83 1.37
C LYS C 204 -27.12 52.91 -0.13
N ILE C 205 -25.87 53.02 -0.59
CA ILE C 205 -25.59 53.08 -2.02
C ILE C 205 -26.16 51.88 -2.77
N LEU C 206 -26.08 50.70 -2.13
CA LEU C 206 -26.61 49.46 -2.69
C LEU C 206 -28.12 49.45 -2.84
N LYS C 207 -28.85 49.98 -1.87
CA LYS C 207 -30.29 50.14 -2.03
C LYS C 207 -30.52 51.14 -3.12
N GLN C 208 -29.80 52.25 -3.03
CA GLN C 208 -29.86 53.36 -3.96
C GLN C 208 -29.82 52.91 -5.40
N VAL C 209 -28.99 51.92 -5.73
CA VAL C 209 -28.89 51.50 -7.13
C VAL C 209 -29.64 50.20 -7.51
N MET C 210 -30.05 49.41 -6.52
CA MET C 210 -30.53 48.05 -6.79
C MET C 210 -31.85 47.96 -7.54
N GLU C 211 -31.94 46.94 -8.41
CA GLU C 211 -33.12 46.62 -9.24
C GLU C 211 -34.38 46.44 -8.38
N GLU C 212 -34.35 45.42 -7.52
CA GLU C 212 -35.40 45.21 -6.50
C GLU C 212 -34.96 45.80 -5.15
N LYS C 213 -35.78 45.56 -4.14
CA LYS C 213 -35.55 46.06 -2.79
C LYS C 213 -34.26 45.48 -2.16
N LEU C 214 -33.89 45.99 -0.98
CA LEU C 214 -32.69 45.56 -0.29
C LEU C 214 -33.00 44.78 0.99
N ASP C 215 -32.85 43.46 0.92
CA ASP C 215 -32.88 42.60 2.10
C ASP C 215 -31.63 41.72 2.11
N GLU C 216 -31.36 41.10 3.25
CA GLU C 216 -30.11 40.35 3.44
C GLU C 216 -29.90 39.22 2.44
N ASN C 217 -30.79 39.11 1.46
CA ASN C 217 -30.83 37.98 0.54
C ASN C 217 -30.32 38.29 -0.86
N ASN C 218 -30.28 39.57 -1.23
CA ASN C 218 -29.91 39.98 -2.60
C ASN C 218 -28.75 40.98 -2.67
N ALA C 219 -28.31 41.43 -1.51
CA ALA C 219 -27.07 42.18 -1.39
C ALA C 219 -26.27 41.49 -0.28
N GLN C 220 -24.97 41.68 -0.26
CA GLN C 220 -24.17 40.99 0.75
C GLN C 220 -22.94 41.78 1.20
N LEU C 221 -22.65 41.73 2.49
CA LEU C 221 -21.60 42.55 3.05
C LEU C 221 -20.43 41.73 3.50
N SER C 222 -19.27 42.34 3.55
CA SER C 222 -18.08 41.73 4.12
C SER C 222 -17.12 42.82 4.55
N CYS C 223 -16.16 42.50 5.40
CA CYS C 223 -15.10 43.46 5.67
C CYS C 223 -13.82 42.80 6.12
N ILE C 224 -12.73 43.53 6.05
CA ILE C 224 -11.48 43.01 6.56
C ILE C 224 -10.94 44.06 7.52
N THR C 225 -10.43 43.60 8.66
CA THR C 225 -9.98 44.45 9.74
C THR C 225 -8.65 43.91 10.28
N LYS C 226 -7.83 44.78 10.85
CA LYS C 226 -6.55 44.35 11.37
C LYS C 226 -6.69 43.12 12.28
N GLN C 227 -7.77 43.02 13.03
CA GLN C 227 -7.76 42.02 14.06
C GLN C 227 -8.55 40.77 13.75
N ASP C 228 -9.66 40.90 13.04
CA ASP C 228 -10.46 39.73 12.75
C ASP C 228 -10.26 39.15 11.36
N GLY C 229 -9.15 39.54 10.72
CA GLY C 229 -8.90 39.24 9.33
C GLY C 229 -10.12 39.47 8.46
N PHE C 230 -10.24 38.72 7.38
CA PHE C 230 -11.36 38.88 6.43
C PHE C 230 -12.65 38.24 7.00
N LYS C 231 -13.82 38.67 6.55
CA LYS C 231 -15.11 38.19 7.04
C LYS C 231 -16.14 38.38 5.96
N ILE C 232 -17.05 37.44 5.82
CA ILE C 232 -18.18 37.67 4.96
C ILE C 232 -19.30 37.67 5.97
N TYR C 233 -20.11 38.72 5.99
CA TYR C 233 -21.20 38.81 6.98
C TYR C 233 -22.28 37.84 6.64
N ASP C 234 -22.74 37.11 7.64
CA ASP C 234 -23.89 36.24 7.44
C ASP C 234 -25.12 37.13 7.42
N ASN C 235 -26.24 36.56 6.96
CA ASN C 235 -27.53 37.23 6.92
C ASN C 235 -28.00 37.87 8.21
N GLU C 236 -27.46 37.46 9.36
CA GLU C 236 -27.82 38.13 10.61
C GLU C 236 -27.19 39.51 10.73
N LYS C 237 -25.86 39.56 10.85
CA LYS C 237 -25.16 40.83 10.96
C LYS C 237 -25.78 41.80 9.95
N THR C 238 -25.93 41.34 8.70
CA THR C 238 -26.51 42.15 7.63
C THR C 238 -28.00 42.43 7.82
N ALA C 239 -28.72 41.52 8.46
CA ALA C 239 -30.16 41.74 8.67
C ALA C 239 -30.34 42.96 9.57
N GLU C 240 -29.52 43.04 10.62
CA GLU C 240 -29.45 44.19 11.52
C GLU C 240 -29.19 45.47 10.74
N LEU C 241 -28.05 45.51 10.06
CA LEU C 241 -27.57 46.72 9.39
C LEU C 241 -28.57 47.32 8.40
N ILE C 242 -29.20 46.48 7.59
CA ILE C 242 -30.25 46.93 6.66
C ILE C 242 -31.50 47.51 7.39
N LYS C 243 -31.85 46.89 8.50
CA LYS C 243 -32.88 47.39 9.42
C LYS C 243 -32.43 48.69 10.11
N GLU C 244 -31.14 48.77 10.45
CA GLU C 244 -30.56 49.94 11.11
C GLU C 244 -30.41 51.12 10.15
N LEU C 245 -30.24 50.85 8.85
CA LEU C 245 -30.23 51.88 7.82
C LEU C 245 -31.66 52.34 7.57
N LYS C 246 -32.63 51.49 7.87
CA LYS C 246 -34.03 51.87 7.80
C LYS C 246 -34.39 52.85 8.93
N GLU C 247 -34.08 52.46 10.16
CA GLU C 247 -34.31 53.31 11.32
C GLU C 247 -33.56 54.63 11.20
N LYS C 248 -32.28 54.55 10.85
CA LYS C 248 -31.42 55.73 10.76
C LYS C 248 -31.79 56.73 9.63
N GLU C 249 -32.37 56.25 8.54
CA GLU C 249 -32.81 57.13 7.47
C GLU C 249 -34.29 57.50 7.63
N ALA C 250 -34.83 57.21 8.81
CA ALA C 250 -36.17 57.65 9.20
C ALA C 250 -36.13 58.73 10.30
N ALA C 251 -34.93 59.28 10.55
CA ALA C 251 -34.70 60.42 11.47
C ALA C 251 -35.41 61.65 10.92
N GLU C 252 -35.24 61.88 9.61
CA GLU C 252 -36.11 62.74 8.81
C GLU C 252 -35.89 62.57 7.31
N LYS D 7 19.56 -14.06 10.80
CA LYS D 7 18.30 -13.94 10.01
C LYS D 7 17.06 -13.79 10.93
N THR D 8 17.21 -13.20 12.12
CA THR D 8 16.10 -13.04 13.08
C THR D 8 15.99 -11.62 13.71
N ILE D 9 14.77 -11.08 13.84
CA ILE D 9 14.56 -9.70 14.30
C ILE D 9 13.52 -9.51 15.42
N SER D 10 13.93 -8.90 16.53
CA SER D 10 12.97 -8.39 17.51
C SER D 10 12.46 -6.99 17.12
N ARG D 11 11.17 -6.75 17.35
CA ARG D 11 10.51 -5.50 16.94
C ARG D 11 9.26 -5.24 17.77
N THR D 12 8.92 -3.97 17.93
CA THR D 12 7.67 -3.56 18.58
C THR D 12 7.01 -2.60 17.61
N ILE D 13 5.85 -2.94 17.08
CA ILE D 13 5.28 -2.06 16.06
C ILE D 13 4.22 -1.11 16.62
N GLU D 14 4.54 0.18 16.51
CA GLU D 14 3.86 1.29 17.19
C GLU D 14 2.78 1.89 16.35
N SER D 15 1.81 2.56 16.99
CA SER D 15 0.81 3.33 16.25
C SER D 15 0.82 4.84 16.54
N GLN D 21 -5.92 0.79 18.53
CA GLN D 21 -4.78 0.25 17.76
C GLN D 21 -3.44 -0.06 18.47
N PRO D 22 -3.43 -0.98 19.45
CA PRO D 22 -2.28 -1.29 20.34
C PRO D 22 -0.88 -1.65 19.76
N THR D 23 0.10 -1.64 20.63
CA THR D 23 1.48 -1.89 20.25
C THR D 23 1.68 -3.38 20.27
N LEU D 24 2.44 -3.87 19.31
CA LEU D 24 2.62 -5.29 19.11
C LEU D 24 4.06 -5.70 19.33
N ASP D 25 4.26 -6.87 19.94
CA ASP D 25 5.54 -7.57 19.86
C ASP D 25 5.68 -8.62 18.76
N VAL D 26 6.85 -8.63 18.15
CA VAL D 26 7.11 -9.46 16.99
C VAL D 26 8.54 -9.99 17.02
N ILE D 27 8.70 -11.27 17.34
CA ILE D 27 9.92 -12.02 16.98
C ILE D 27 9.67 -12.69 15.59
N ALA D 28 10.58 -12.43 14.66
CA ALA D 28 10.44 -12.95 13.29
C ALA D 28 11.78 -13.42 12.70
N THR D 29 11.83 -14.72 12.40
CA THR D 29 12.93 -15.38 11.69
C THR D 29 12.57 -15.43 10.20
N LEU D 30 13.51 -15.01 9.34
CA LEU D 30 13.33 -15.03 7.89
C LEU D 30 14.66 -15.08 7.11
N PRO D 31 14.59 -15.16 5.77
CA PRO D 31 15.76 -15.28 4.88
C PRO D 31 16.75 -14.10 4.85
N ALA D 32 18.06 -14.39 4.70
CA ALA D 32 19.07 -13.42 4.17
C ALA D 32 18.75 -13.11 2.69
N ASP D 33 19.27 -13.94 1.75
CA ASP D 33 18.74 -14.09 0.34
C ASP D 33 17.24 -13.72 0.16
N LYS D 37 14.45 -20.27 -0.74
CA LYS D 37 13.00 -20.45 -1.03
C LYS D 37 12.32 -21.62 -0.27
N LYS D 38 13.13 -22.48 0.31
CA LYS D 38 12.66 -23.49 1.23
C LYS D 38 12.78 -22.97 2.65
N ILE D 39 13.46 -21.82 2.81
CA ILE D 39 13.60 -21.14 4.12
C ILE D 39 12.27 -20.51 4.55
N PRO D 40 11.63 -21.05 5.62
CA PRO D 40 10.34 -20.55 6.06
C PRO D 40 10.39 -19.28 6.93
N ILE D 41 9.36 -18.46 6.78
CA ILE D 41 9.14 -17.29 7.57
C ILE D 41 8.62 -17.87 8.86
N SER D 42 9.09 -17.31 9.95
CA SER D 42 8.68 -17.73 11.26
C SER D 42 8.23 -16.44 11.99
N LEU D 43 7.02 -16.44 12.58
CA LEU D 43 6.47 -15.24 13.19
C LEU D 43 5.82 -15.44 14.55
N VAL D 44 6.49 -15.04 15.63
CA VAL D 44 5.79 -14.99 16.94
C VAL D 44 5.20 -13.59 17.11
N VAL D 45 3.93 -13.48 17.48
CA VAL D 45 3.32 -12.16 17.69
C VAL D 45 2.24 -12.06 18.80
N GLY D 46 2.51 -11.21 19.79
CA GLY D 46 1.47 -10.84 20.77
C GLY D 46 1.32 -9.33 20.90
N PHE D 47 0.32 -8.87 21.68
CA PHE D 47 0.34 -7.48 22.20
C PHE D 47 1.51 -7.18 23.15
N LYS D 48 2.26 -6.11 22.92
CA LYS D 48 3.22 -5.62 23.95
C LYS D 48 2.51 -5.12 25.21
N GLN D 49 3.25 -5.11 26.32
CA GLN D 49 2.67 -4.85 27.63
C GLN D 49 3.52 -3.94 28.53
N GLU D 50 2.83 -3.04 29.23
CA GLU D 50 3.26 -2.50 30.53
C GLU D 50 2.00 -2.29 31.38
N SER D 55 3.28 -9.94 34.19
CA SER D 55 4.49 -9.45 33.54
C SER D 55 4.50 -9.68 32.00
N SER D 56 4.79 -10.92 31.57
CA SER D 56 4.83 -11.28 30.13
C SER D 56 4.19 -12.64 29.79
N SER D 57 4.48 -13.14 28.58
CA SER D 57 3.52 -13.91 27.76
C SER D 57 3.48 -15.46 27.82
N SER D 58 2.35 -16.04 27.42
CA SER D 58 2.27 -17.47 27.14
C SER D 58 1.94 -17.72 25.64
N LEU D 59 2.23 -18.94 25.14
CA LEU D 59 1.97 -19.32 23.74
C LEU D 59 0.62 -19.99 23.59
N SER D 60 -0.24 -19.46 22.73
CA SER D 60 -1.63 -19.86 22.64
C SER D 60 -1.97 -20.77 21.49
N CYS D 61 -1.31 -20.53 20.36
CA CYS D 61 -1.53 -21.30 19.16
C CYS D 61 -0.32 -21.19 18.26
N TYR D 62 0.15 -22.33 17.78
CA TYR D 62 1.24 -22.37 16.83
C TYR D 62 0.59 -22.88 15.55
N TYR D 63 1.04 -22.42 14.37
CA TYR D 63 0.36 -22.72 13.09
C TYR D 63 1.29 -22.70 11.86
N TYR D 64 1.00 -23.57 10.91
CA TYR D 64 1.92 -23.82 9.79
C TYR D 64 1.16 -23.75 8.51
N ALA D 65 1.86 -23.34 7.45
CA ALA D 65 1.27 -23.33 6.13
C ALA D 65 2.32 -23.29 5.05
N ILE D 66 1.93 -23.78 3.89
CA ILE D 66 2.88 -23.99 2.82
C ILE D 66 2.04 -23.87 1.60
N PRO D 67 2.59 -23.25 0.53
CA PRO D 67 1.77 -23.12 -0.68
C PRO D 67 1.86 -24.38 -1.56
N LEU D 68 0.78 -24.64 -2.31
CA LEU D 68 0.75 -25.57 -3.43
C LEU D 68 1.51 -24.97 -4.64
N MET D 69 2.13 -25.82 -5.47
CA MET D 69 2.85 -25.38 -6.65
C MET D 69 1.90 -25.26 -7.80
N ARG D 70 2.30 -24.59 -8.86
CA ARG D 70 1.49 -24.71 -10.07
C ARG D 70 1.67 -26.03 -10.94
N ASP D 71 2.28 -27.09 -10.37
CA ASP D 71 2.10 -28.52 -10.75
C ASP D 71 0.69 -29.03 -10.24
N ARG D 72 -0.42 -28.48 -10.78
CA ARG D 72 -1.81 -28.72 -10.20
C ARG D 72 -3.00 -28.24 -11.01
N SER D 81 -5.30 -20.05 -5.96
CA SER D 81 -3.89 -19.89 -5.65
C SER D 81 -3.68 -20.39 -4.22
N ASN D 82 -4.25 -21.56 -3.95
CA ASN D 82 -4.30 -22.08 -2.61
C ASN D 82 -2.98 -22.39 -1.88
N VAL D 83 -3.15 -22.61 -0.58
CA VAL D 83 -2.08 -22.85 0.38
C VAL D 83 -2.66 -23.98 1.23
N VAL D 84 -1.86 -24.57 2.10
CA VAL D 84 -2.35 -25.66 2.88
C VAL D 84 -1.64 -25.55 4.21
N GLY D 85 -2.34 -25.89 5.29
CA GLY D 85 -1.76 -25.68 6.61
C GLY D 85 -2.51 -26.32 7.74
N ILE D 86 -1.83 -26.37 8.89
CA ILE D 86 -2.30 -27.19 9.99
C ILE D 86 -1.87 -26.57 11.33
N PRO D 87 -2.72 -26.70 12.38
CA PRO D 87 -2.30 -26.32 13.73
C PRO D 87 -1.17 -27.19 14.28
N LEU D 88 0.01 -26.64 14.42
CA LEU D 88 1.09 -27.31 15.11
C LEU D 88 0.74 -27.43 16.57
N LEU D 89 0.37 -26.33 17.20
CA LEU D 89 -0.16 -26.42 18.55
C LEU D 89 -1.54 -25.76 18.56
N ASP D 90 -2.59 -26.57 18.60
CA ASP D 90 -3.93 -26.06 18.45
C ASP D 90 -4.39 -25.43 19.75
N THR D 91 -5.62 -24.88 19.73
CA THR D 91 -6.28 -24.27 20.90
C THR D 91 -7.79 -24.35 20.82
N LYS D 92 -8.42 -24.24 21.98
CA LYS D 92 -9.88 -24.37 22.11
C LYS D 92 -10.61 -23.19 21.48
N ASP D 93 -9.91 -22.06 21.42
CA ASP D 93 -10.49 -20.76 21.09
C ASP D 93 -10.48 -20.47 19.59
N ASP D 94 -11.66 -20.29 19.01
CA ASP D 94 -11.73 -20.09 17.56
C ASP D 94 -10.97 -18.86 17.14
N ARG D 95 -11.15 -17.78 17.88
CA ARG D 95 -10.58 -16.52 17.48
C ARG D 95 -9.08 -16.65 17.33
N ILE D 96 -8.43 -17.31 18.30
CA ILE D 96 -6.97 -17.42 18.24
C ILE D 96 -6.58 -18.26 17.03
N ARG D 97 -7.27 -19.39 16.85
CA ARG D 97 -7.01 -20.31 15.74
C ARG D 97 -7.12 -19.56 14.38
N ASP D 98 -8.30 -19.05 14.08
CA ASP D 98 -8.51 -18.28 12.87
C ASP D 98 -7.49 -17.16 12.68
N MET D 99 -7.19 -16.43 13.75
CA MET D 99 -6.23 -15.33 13.65
C MET D 99 -4.85 -15.86 13.21
N ALA D 100 -4.40 -16.92 13.89
CA ALA D 100 -3.13 -17.61 13.58
C ALA D 100 -3.12 -18.39 12.24
N ARG D 101 -4.25 -19.00 11.89
CA ARG D 101 -4.37 -19.61 10.58
C ARG D 101 -4.34 -18.56 9.50
N HIS D 102 -5.33 -17.67 9.53
CA HIS D 102 -5.49 -16.62 8.55
C HIS D 102 -4.16 -15.93 8.32
N MET D 103 -3.49 -15.56 9.41
CA MET D 103 -2.20 -14.92 9.28
C MET D 103 -1.16 -15.77 8.54
N ALA D 104 -1.19 -17.10 8.72
CA ALA D 104 -0.17 -17.97 8.14
C ALA D 104 -0.49 -18.26 6.69
N THR D 105 -1.76 -18.55 6.43
CA THR D 105 -2.32 -18.66 5.10
C THR D 105 -1.89 -17.48 4.23
N ILE D 106 -2.20 -16.25 4.66
CA ILE D 106 -1.92 -15.09 3.84
C ILE D 106 -0.42 -14.88 3.68
N ILE D 107 0.35 -15.02 4.74
CA ILE D 107 1.80 -14.81 4.65
C ILE D 107 2.42 -15.73 3.59
N SER D 108 2.05 -17.02 3.68
CA SER D 108 2.61 -18.10 2.87
C SER D 108 2.28 -17.91 1.43
N GLU D 109 1.02 -17.56 1.17
CA GLU D 109 0.60 -17.22 -0.18
C GLU D 109 1.33 -16.01 -0.75
N ARG D 110 1.46 -14.94 0.04
CA ARG D 110 1.96 -13.69 -0.55
C ARG D 110 3.46 -13.74 -0.62
N PHE D 111 4.09 -14.48 0.25
CA PHE D 111 5.53 -14.56 0.16
C PHE D 111 6.07 -15.80 -0.53
N ASN D 112 5.14 -16.61 -1.05
CA ASN D 112 5.41 -17.94 -1.63
C ASN D 112 6.51 -18.75 -0.92
N ARG D 113 6.29 -18.93 0.38
CA ARG D 113 7.19 -19.62 1.30
C ARG D 113 6.33 -20.30 2.32
N PRO D 114 6.86 -21.38 2.93
CA PRO D 114 6.12 -21.84 4.11
C PRO D 114 6.25 -20.80 5.27
N CYS D 115 5.25 -20.72 6.13
CA CYS D 115 5.46 -19.96 7.35
C CYS D 115 4.85 -20.57 8.61
N TYR D 116 5.58 -20.38 9.71
CA TYR D 116 5.16 -20.79 11.05
C TYR D 116 4.82 -19.53 11.83
N VAL D 117 3.61 -19.49 12.39
CA VAL D 117 3.12 -18.33 13.11
C VAL D 117 2.69 -18.76 14.50
N THR D 118 3.19 -18.04 15.50
CA THR D 118 2.69 -18.14 16.87
C THR D 118 1.89 -16.90 17.21
N TRP D 119 0.70 -17.10 17.75
CA TRP D 119 0.04 -16.06 18.49
C TRP D 119 0.30 -16.25 19.97
N SER D 120 0.97 -15.27 20.61
CA SER D 120 1.11 -15.31 22.08
C SER D 120 -0.03 -14.60 22.79
N SER D 121 -0.23 -14.95 24.05
CA SER D 121 -1.23 -14.31 24.87
C SER D 121 -0.69 -13.79 26.21
N LEU D 122 -1.12 -12.56 26.54
CA LEU D 122 -0.77 -11.85 27.79
C LEU D 122 -1.57 -12.41 28.96
N PRO D 123 -0.95 -12.48 30.16
CA PRO D 123 -1.59 -12.94 31.38
C PRO D 123 -3.13 -12.86 31.41
N SER D 124 -3.75 -11.69 31.48
CA SER D 124 -5.19 -11.82 31.51
C SER D 124 -5.94 -11.24 30.33
N GLU D 125 -5.21 -11.09 29.22
CA GLU D 125 -5.76 -10.70 27.92
C GLU D 125 -7.25 -10.95 27.73
N ASP D 126 -7.98 -9.87 27.45
CA ASP D 126 -9.40 -9.94 27.16
C ASP D 126 -9.59 -10.25 25.66
N PRO D 127 -10.51 -11.19 25.37
CA PRO D 127 -10.91 -11.63 24.04
C PRO D 127 -11.07 -10.51 23.02
N SER D 128 -11.81 -9.46 23.39
CA SER D 128 -12.12 -8.29 22.53
C SER D 128 -10.89 -7.73 21.87
N MET D 129 -9.82 -7.59 22.64
CA MET D 129 -8.59 -7.08 22.09
C MET D 129 -8.17 -7.73 20.75
N LEU D 130 -8.45 -9.03 20.58
CA LEU D 130 -8.27 -9.76 19.30
C LEU D 130 -9.32 -9.52 18.22
N VAL D 131 -10.60 -9.66 18.57
CA VAL D 131 -11.72 -9.41 17.63
C VAL D 131 -11.53 -8.01 17.05
N ALA D 132 -11.21 -7.08 17.95
CA ALA D 132 -11.01 -5.68 17.60
C ALA D 132 -9.72 -5.39 16.81
N ASN D 133 -8.74 -6.29 16.83
CA ASN D 133 -7.50 -6.05 16.08
C ASN D 133 -7.02 -7.08 15.05
N HIS D 134 -7.84 -8.11 14.80
CA HIS D 134 -7.59 -9.07 13.72
C HIS D 134 -7.00 -8.37 12.47
N LEU D 135 -7.82 -7.57 11.76
CA LEU D 135 -7.44 -7.01 10.47
C LEU D 135 -6.17 -6.20 10.56
N TYR D 136 -6.03 -5.47 11.66
CA TYR D 136 -4.93 -4.56 11.87
C TYR D 136 -3.60 -5.33 12.03
N ILE D 137 -3.59 -6.37 12.85
CA ILE D 137 -2.38 -7.18 13.04
C ILE D 137 -1.86 -7.85 11.74
N LEU D 138 -2.78 -8.40 10.94
CA LEU D 138 -2.47 -8.93 9.65
C LEU D 138 -1.70 -7.89 8.82
N LYS D 139 -2.30 -6.70 8.66
CA LYS D 139 -1.73 -5.59 7.89
C LYS D 139 -0.34 -5.16 8.35
N LYS D 140 -0.18 -4.96 9.66
CA LYS D 140 1.12 -4.59 10.19
C LYS D 140 2.11 -5.73 10.15
N CYS D 141 1.63 -6.97 10.00
CA CYS D 141 2.55 -8.06 9.77
C CYS D 141 2.93 -8.21 8.29
N LEU D 142 1.94 -8.16 7.41
CA LEU D 142 2.27 -8.10 6.01
C LEU D 142 3.24 -6.96 5.76
N ASP D 143 2.96 -5.76 6.29
CA ASP D 143 3.84 -4.59 6.09
C ASP D 143 5.27 -4.86 6.52
N LEU D 144 5.45 -5.47 7.68
CA LEU D 144 6.77 -5.72 8.22
C LEU D 144 7.60 -6.67 7.35
N LEU D 145 7.07 -7.88 7.15
CA LEU D 145 7.61 -8.82 6.19
C LEU D 145 7.87 -8.16 4.81
N LYS D 146 6.88 -7.46 4.29
CA LYS D 146 6.98 -6.72 3.04
C LYS D 146 8.18 -5.76 3.00
N THR D 147 8.38 -4.99 4.07
CA THR D 147 9.59 -4.16 4.24
C THR D 147 10.86 -5.01 4.19
N GLU D 148 10.92 -5.97 5.11
CA GLU D 148 12.12 -6.77 5.36
C GLU D 148 12.54 -7.81 4.30
N LEU D 149 11.74 -7.92 3.23
CA LEU D 149 12.07 -8.70 2.03
C LEU D 149 11.90 -7.75 0.82
N GLY D 150 10.65 -7.50 0.43
CA GLY D 150 10.33 -6.69 -0.74
C GLY D 150 8.93 -6.95 -1.30
N ILE E 2 10.48 -13.70 25.07
CA ILE E 2 11.95 -13.61 25.36
C ILE E 2 12.74 -14.47 24.33
N SER E 3 13.47 -13.79 23.44
CA SER E 3 14.22 -14.48 22.38
C SER E 3 15.72 -14.62 22.65
N TYR E 4 16.26 -15.79 22.36
CA TYR E 4 17.69 -15.97 22.22
C TYR E 4 17.95 -16.72 20.92
N GLU E 5 19.16 -16.61 20.40
CA GLU E 5 19.55 -17.26 19.14
C GLU E 5 21.06 -17.34 18.93
N PHE E 6 21.50 -18.36 18.21
CA PHE E 6 22.93 -18.54 17.89
C PHE E 6 23.10 -19.16 16.51
N GLN E 7 24.18 -18.80 15.82
CA GLN E 7 24.51 -19.38 14.52
C GLN E 7 25.95 -19.87 14.47
N THR E 8 26.16 -21.08 13.93
CA THR E 8 27.50 -21.67 13.79
C THR E 8 27.64 -22.53 12.52
N HIS E 9 28.80 -23.18 12.36
CA HIS E 9 29.05 -24.08 11.24
C HIS E 9 29.60 -25.43 11.75
N LYS E 25 27.39 -25.96 4.81
CA LYS E 25 26.20 -26.44 5.50
C LYS E 25 26.14 -25.91 6.94
N GLU E 26 25.30 -24.91 7.18
CA GLU E 26 25.30 -24.15 8.44
C GLU E 26 24.09 -24.41 9.34
N LEU E 27 24.32 -24.43 10.65
CA LEU E 27 23.26 -24.73 11.60
C LEU E 27 22.82 -23.48 12.36
N TYR E 28 21.52 -23.18 12.30
CA TYR E 28 20.93 -22.04 12.99
C TYR E 28 20.04 -22.51 14.15
N VAL E 29 20.11 -21.80 15.27
CA VAL E 29 19.31 -22.07 16.46
C VAL E 29 18.60 -20.79 16.92
N GLN E 30 17.40 -20.94 17.48
CA GLN E 30 16.64 -19.84 18.03
C GLN E 30 15.63 -20.40 19.02
N ALA E 31 15.40 -19.73 20.13
CA ALA E 31 14.37 -20.14 21.08
C ALA E 31 13.47 -18.97 21.50
N THR E 32 12.30 -19.28 22.03
CA THR E 32 11.33 -18.28 22.45
C THR E 32 10.60 -18.81 23.66
N HIS E 33 10.84 -18.21 24.81
CA HIS E 33 10.23 -18.70 26.07
C HIS E 33 8.87 -18.09 26.37
N PHE E 34 8.05 -18.82 27.09
CA PHE E 34 6.73 -18.36 27.45
C PHE E 34 6.53 -18.97 28.82
N ASN E 35 5.44 -18.62 29.49
CA ASN E 35 5.07 -19.25 30.77
C ASN E 35 4.80 -20.73 30.63
N ASN E 36 4.23 -21.11 29.49
CA ASN E 36 3.68 -22.45 29.31
C ASN E 36 4.53 -23.35 28.44
N THR E 37 5.48 -22.79 27.70
CA THR E 37 6.31 -23.64 26.84
C THR E 37 7.55 -22.92 26.33
N ILE E 38 8.54 -23.68 25.87
CA ILE E 38 9.58 -23.04 25.08
C ILE E 38 9.27 -23.39 23.62
N LEU E 39 10.01 -22.81 22.69
CA LEU E 39 9.75 -23.02 21.28
C LEU E 39 11.05 -22.81 20.55
N LEU E 40 11.64 -23.92 20.11
CA LEU E 40 12.99 -23.94 19.56
C LEU E 40 12.99 -24.25 18.07
N GLN E 41 13.78 -23.51 17.34
CA GLN E 41 13.94 -23.78 15.95
C GLN E 41 15.34 -24.30 15.79
N ILE E 42 15.51 -25.36 15.01
CA ILE E 42 16.83 -25.78 14.63
C ILE E 42 16.84 -25.87 13.12
N ARG E 43 17.47 -24.89 12.47
CA ARG E 43 17.45 -24.81 11.02
C ARG E 43 18.75 -25.27 10.41
N LEU E 44 18.66 -25.89 9.23
CA LEU E 44 19.84 -26.30 8.50
C LEU E 44 19.84 -25.66 7.14
N ASN E 45 20.80 -24.77 6.89
CA ASN E 45 20.80 -23.90 5.72
C ASN E 45 19.45 -23.26 5.57
N GLY E 46 18.94 -22.78 6.71
CA GLY E 46 17.71 -22.00 6.77
C GLY E 46 16.48 -22.85 6.79
N GLU E 47 16.68 -24.16 6.73
CA GLU E 47 15.61 -25.11 6.47
C GLU E 47 15.09 -25.71 7.73
N MET E 48 13.78 -25.94 7.75
CA MET E 48 13.08 -26.41 8.91
C MET E 48 11.84 -26.99 8.29
N ASP E 49 11.45 -28.21 8.68
CA ASP E 49 10.29 -28.87 8.05
C ASP E 49 9.52 -29.81 8.94
N SER E 50 10.01 -30.08 10.15
CA SER E 50 9.34 -30.98 11.09
C SER E 50 9.05 -30.35 12.45
N THR E 51 8.01 -30.83 13.12
CA THR E 51 7.60 -30.25 14.38
C THR E 51 7.15 -31.30 15.38
N TYR E 52 7.91 -31.35 16.47
CA TYR E 52 7.67 -32.27 17.59
C TYR E 52 7.39 -31.48 18.87
N GLU E 53 6.50 -32.03 19.70
CA GLU E 53 6.18 -31.50 21.01
C GLU E 53 6.68 -32.49 22.04
N VAL E 54 7.64 -32.07 22.88
CA VAL E 54 8.21 -32.92 23.92
C VAL E 54 7.69 -32.51 25.30
N SER E 55 6.45 -32.84 25.64
CA SER E 55 5.95 -32.49 26.96
C SER E 55 6.08 -33.66 27.94
N SER E 56 6.08 -33.35 29.22
CA SER E 56 6.24 -34.37 30.28
C SER E 56 4.97 -34.52 31.12
N LYS E 57 4.81 -35.72 31.68
CA LYS E 57 3.63 -36.09 32.46
C LYS E 57 3.51 -35.43 33.86
N GLY E 58 4.23 -34.33 34.08
CA GLY E 58 4.45 -33.82 35.43
C GLY E 58 5.70 -34.49 36.02
N LEU E 59 5.50 -35.55 36.82
CA LEU E 59 6.60 -36.39 37.34
C LEU E 59 7.09 -37.46 36.33
N TYR E 65 8.96 -38.08 30.05
CA TYR E 65 8.82 -37.42 28.76
C TYR E 65 7.88 -38.15 27.80
N GLN E 66 7.30 -37.43 26.87
CA GLN E 66 6.25 -38.01 26.03
C GLN E 66 6.12 -37.24 24.69
N VAL E 67 7.03 -37.53 23.76
CA VAL E 67 7.06 -36.88 22.44
C VAL E 67 5.80 -37.10 21.60
N VAL E 68 5.31 -36.06 20.94
CA VAL E 68 4.17 -36.18 20.04
C VAL E 68 4.54 -35.52 18.72
N THR E 69 4.22 -36.16 17.60
CA THR E 69 4.62 -35.66 16.30
C THR E 69 3.54 -34.79 15.69
N LYS E 70 3.89 -33.55 15.41
CA LYS E 70 2.91 -32.61 14.91
C LYS E 70 2.95 -32.57 13.38
N LEU E 71 4.17 -32.51 12.84
CA LEU E 71 4.41 -32.70 11.41
C LEU E 71 5.75 -33.31 11.18
N GLY E 72 5.74 -34.48 10.53
CA GLY E 72 6.97 -35.17 10.09
C GLY E 72 6.87 -36.68 10.12
N ASP E 73 8.01 -37.35 10.13
CA ASP E 73 8.03 -38.79 10.22
C ASP E 73 7.88 -39.27 11.68
N SER E 74 6.66 -39.61 12.07
CA SER E 74 6.40 -40.01 13.45
C SER E 74 6.93 -41.40 13.80
N ALA E 75 7.47 -42.11 12.83
CA ALA E 75 7.94 -43.46 13.09
C ALA E 75 9.46 -43.59 13.03
N ASP E 76 10.16 -42.50 12.73
CA ASP E 76 11.62 -42.46 12.75
C ASP E 76 12.08 -42.63 14.21
N PRO E 77 12.85 -43.71 14.50
CA PRO E 77 13.28 -43.97 15.88
C PRO E 77 14.38 -43.01 16.35
N LYS E 78 15.11 -42.39 15.40
CA LYS E 78 16.10 -41.35 15.73
C LYS E 78 15.44 -40.18 16.42
N VAL E 79 14.18 -39.92 16.09
CA VAL E 79 13.47 -38.74 16.58
C VAL E 79 13.36 -38.64 18.11
N PRO E 80 12.50 -39.44 18.77
CA PRO E 80 12.40 -39.21 20.21
C PRO E 80 13.73 -39.21 20.95
N VAL E 81 14.80 -39.66 20.33
CA VAL E 81 16.09 -39.68 21.03
C VAL E 81 16.66 -38.29 21.09
N VAL E 82 16.75 -37.64 19.93
CA VAL E 82 17.11 -36.22 19.80
C VAL E 82 16.24 -35.30 20.64
N CYS E 83 14.93 -35.54 20.63
CA CYS E 83 14.02 -34.76 21.41
C CYS E 83 14.30 -34.88 22.88
N VAL E 84 14.38 -36.12 23.39
CA VAL E 84 14.45 -36.31 24.83
C VAL E 84 15.81 -35.86 25.35
N GLN E 85 16.81 -35.95 24.50
CA GLN E 85 18.07 -35.30 24.77
C GLN E 85 17.91 -33.80 24.99
N ILE E 86 17.43 -33.09 23.97
CA ILE E 86 17.22 -31.65 24.03
C ILE E 86 16.39 -31.28 25.26
N ALA E 87 15.36 -32.08 25.55
CA ALA E 87 14.50 -31.86 26.70
C ALA E 87 15.24 -31.93 28.06
N GLU E 88 16.26 -32.79 28.15
CA GLU E 88 17.11 -32.89 29.35
C GLU E 88 18.06 -31.71 29.45
N LEU E 89 18.77 -31.42 28.35
CA LEU E 89 19.59 -30.22 28.27
C LEU E 89 18.88 -29.03 28.88
N TYR E 90 17.58 -28.87 28.62
CA TYR E 90 16.76 -27.89 29.35
C TYR E 90 16.56 -28.39 30.78
N ARG E 91 15.39 -28.98 31.10
CA ARG E 91 15.02 -29.46 32.46
C ARG E 91 16.12 -29.54 33.52
N ARG E 92 17.29 -30.05 33.16
CA ARG E 92 18.35 -30.27 34.13
C ARG E 92 19.74 -29.84 33.65
N VAL E 93 19.88 -28.61 33.17
CA VAL E 93 21.20 -27.98 32.90
C VAL E 93 21.15 -26.54 32.40
N ILE E 94 19.95 -26.03 32.10
CA ILE E 94 19.81 -24.76 31.42
C ILE E 94 18.95 -23.77 32.16
N LEU E 95 18.02 -24.29 32.97
CA LEU E 95 17.12 -23.41 33.71
C LEU E 95 17.59 -23.12 35.15
N PRO E 96 17.93 -21.83 35.47
CA PRO E 96 18.01 -20.64 34.57
C PRO E 96 19.43 -20.26 34.18
N GLN E 108 3.32 -29.14 33.21
CA GLN E 108 4.35 -28.59 34.09
C GLN E 108 5.73 -28.46 33.39
N PHE E 109 5.90 -29.14 32.24
CA PHE E 109 7.05 -28.88 31.33
C PHE E 109 6.71 -29.18 29.88
N SER E 110 7.12 -28.28 28.99
CA SER E 110 6.70 -28.33 27.60
C SER E 110 7.65 -27.60 26.67
N LEU E 111 8.19 -28.33 25.70
CA LEU E 111 9.02 -27.76 24.65
C LEU E 111 8.35 -28.06 23.28
N LEU E 112 8.57 -27.19 22.28
CA LEU E 112 8.16 -27.45 20.92
C LEU E 112 9.39 -27.29 20.05
N ILE E 113 9.70 -28.30 19.25
CA ILE E 113 10.89 -28.22 18.44
C ILE E 113 10.44 -28.21 17.00
N SER E 114 11.08 -27.36 16.20
CA SER E 114 10.87 -27.36 14.77
C SER E 114 12.24 -27.47 14.13
N MET E 115 12.43 -28.46 13.24
CA MET E 115 13.78 -28.68 12.71
C MET E 115 13.82 -29.21 11.31
N SER E 116 14.99 -29.09 10.71
CA SER E 116 15.32 -29.76 9.44
C SER E 116 15.54 -31.24 9.70
N SER E 117 14.74 -32.09 9.05
CA SER E 117 14.79 -33.52 9.27
C SER E 117 16.07 -34.00 8.64
N LYS E 118 16.51 -33.27 7.61
CA LYS E 118 17.76 -33.49 6.91
C LYS E 118 19.03 -33.60 7.77
N ILE E 119 18.96 -33.33 9.07
CA ILE E 119 20.16 -33.45 9.92
C ILE E 119 20.57 -34.95 10.12
N TRP E 120 19.60 -35.85 9.98
CA TRP E 120 19.82 -37.30 10.16
C TRP E 120 19.07 -38.10 9.05
N ASN E 131 29.70 -39.33 13.96
CA ASN E 131 28.56 -38.44 13.75
C ASN E 131 27.20 -39.15 13.77
N ASP E 132 26.13 -38.35 13.84
CA ASP E 132 24.76 -38.83 14.11
C ASP E 132 24.57 -39.02 15.60
N PHE E 133 25.69 -39.10 16.31
CA PHE E 133 25.71 -38.91 17.75
C PHE E 133 26.64 -37.73 17.88
N GLY E 134 27.67 -37.72 17.05
CA GLY E 134 28.53 -36.55 16.87
C GLY E 134 27.71 -35.31 16.50
N LYS E 135 26.70 -35.53 15.66
CA LYS E 135 25.77 -34.49 15.26
C LYS E 135 24.93 -34.00 16.46
N LEU E 136 24.16 -34.89 17.09
CA LEU E 136 23.37 -34.51 18.27
C LEU E 136 24.17 -33.73 19.31
N VAL E 137 25.47 -34.03 19.43
CA VAL E 137 26.32 -33.34 20.41
C VAL E 137 26.60 -31.90 20.00
N PHE E 138 26.82 -31.68 18.70
CA PHE E 138 27.03 -30.35 18.13
C PHE E 138 25.80 -29.44 18.27
N VAL E 139 24.64 -29.96 17.88
CA VAL E 139 23.36 -29.25 18.00
C VAL E 139 23.15 -28.85 19.45
N LEU E 140 23.45 -29.76 20.38
CA LEU E 140 23.22 -29.51 21.79
C LEU E 140 24.16 -28.46 22.36
N LYS E 141 25.38 -28.41 21.83
CA LYS E 141 26.30 -27.38 22.28
C LYS E 141 25.93 -26.04 21.64
N CYS E 142 25.40 -26.08 20.41
CA CYS E 142 24.78 -24.92 19.76
C CYS E 142 23.59 -24.31 20.52
N ILE E 143 22.78 -25.15 21.16
CA ILE E 143 21.67 -24.69 21.99
C ILE E 143 22.18 -23.97 23.25
N LYS E 144 23.25 -24.48 23.87
CA LYS E 144 23.85 -23.81 25.05
C LYS E 144 24.63 -22.51 24.74
N ASP E 145 25.04 -22.35 23.48
CA ASP E 145 25.79 -21.17 23.03
C ASP E 145 24.94 -19.91 22.80
N MET E 146 23.65 -20.02 23.08
CA MET E 146 22.76 -18.88 23.06
C MET E 146 22.05 -18.87 24.40
N TYR E 147 22.59 -19.63 25.35
CA TYR E 147 22.01 -19.80 26.69
C TYR E 147 20.53 -20.22 26.66
N ALA E 148 20.14 -20.79 25.51
CA ALA E 148 18.90 -21.58 25.33
C ALA E 148 17.57 -20.87 25.58
N LEU F 35 -23.19 -45.77 9.63
CA LEU F 35 -23.82 -46.10 8.33
C LEU F 35 -22.92 -45.64 7.15
N GLY F 36 -21.68 -46.18 7.06
CA GLY F 36 -20.67 -45.82 6.01
C GLY F 36 -20.95 -46.30 4.58
N SER F 37 -20.60 -45.51 3.55
CA SER F 37 -20.85 -45.85 2.12
C SER F 37 -19.72 -46.56 1.36
N THR F 38 -20.10 -47.25 0.28
CA THR F 38 -19.22 -48.21 -0.39
C THR F 38 -18.05 -47.54 -1.08
N ALA F 39 -16.87 -48.14 -0.95
CA ALA F 39 -15.64 -47.67 -1.56
C ALA F 39 -14.75 -48.88 -1.81
N ILE F 40 -14.17 -48.98 -3.02
CA ILE F 40 -13.38 -50.17 -3.41
C ILE F 40 -12.02 -49.86 -4.06
N GLY F 41 -10.99 -50.56 -3.58
CA GLY F 41 -9.66 -50.46 -4.14
C GLY F 41 -9.04 -51.81 -4.49
N ILE F 42 -8.37 -51.85 -5.64
CA ILE F 42 -7.71 -53.04 -6.14
C ILE F 42 -6.32 -52.60 -6.64
N ALA F 43 -5.26 -53.11 -6.02
CA ALA F 43 -3.90 -52.85 -6.47
C ALA F 43 -3.52 -53.81 -7.59
N THR F 44 -2.66 -53.39 -8.52
CA THR F 44 -2.13 -54.26 -9.56
C THR F 44 -0.67 -53.88 -9.75
N LYS F 45 -0.01 -54.45 -10.74
CA LYS F 45 1.37 -54.06 -11.01
C LYS F 45 1.42 -52.90 -12.02
N GLU F 46 0.24 -52.48 -12.49
CA GLU F 46 0.17 -51.29 -13.35
C GLU F 46 -0.95 -50.32 -12.91
N GLY F 47 -0.88 -49.84 -11.66
CA GLY F 47 -1.90 -48.94 -11.11
C GLY F 47 -2.82 -49.49 -10.03
N VAL F 48 -3.18 -48.66 -9.05
CA VAL F 48 -4.22 -48.98 -8.06
C VAL F 48 -5.51 -48.30 -8.49
N VAL F 49 -6.66 -48.90 -8.23
CA VAL F 49 -7.91 -48.34 -8.73
C VAL F 49 -8.88 -48.06 -7.60
N LEU F 50 -9.27 -46.80 -7.41
CA LEU F 50 -10.27 -46.50 -6.39
C LEU F 50 -11.60 -46.20 -7.04
N GLY F 51 -12.66 -46.84 -6.52
CA GLY F 51 -14.00 -46.66 -7.04
C GLY F 51 -14.97 -46.50 -5.88
N VAL F 52 -16.01 -45.69 -6.09
CA VAL F 52 -16.95 -45.42 -5.01
C VAL F 52 -18.35 -45.36 -5.55
N GLU F 53 -19.28 -45.44 -4.60
CA GLU F 53 -20.67 -45.14 -4.85
C GLU F 53 -20.87 -43.63 -4.68
N LYS F 54 -21.14 -42.96 -5.79
CA LYS F 54 -21.33 -41.51 -5.78
C LYS F 54 -22.52 -41.13 -4.90
N ARG F 55 -23.61 -41.91 -5.03
CA ARG F 55 -24.76 -41.85 -4.13
C ARG F 55 -24.30 -41.83 -2.66
N GLU F 67 -18.62 -35.81 -3.08
CA GLU F 67 -17.19 -35.90 -3.41
C GLU F 67 -16.41 -36.85 -2.49
N LYS F 68 -16.13 -38.06 -2.97
CA LYS F 68 -15.67 -39.13 -2.09
C LYS F 68 -14.30 -39.70 -2.48
N ILE F 69 -13.77 -39.22 -3.58
CA ILE F 69 -12.41 -39.55 -3.93
C ILE F 69 -11.72 -38.22 -4.09
N VAL F 70 -10.64 -38.04 -3.34
CA VAL F 70 -9.96 -36.76 -3.24
C VAL F 70 -8.46 -37.03 -3.38
N GLU F 71 -7.72 -36.11 -4.00
CA GLU F 71 -6.28 -36.26 -4.14
C GLU F 71 -5.50 -35.70 -2.93
N ILE F 72 -4.53 -36.47 -2.45
CA ILE F 72 -3.63 -36.01 -1.40
C ILE F 72 -2.37 -35.47 -2.03
N ASP F 73 -1.85 -36.18 -3.02
CA ASP F 73 -0.75 -35.70 -3.82
C ASP F 73 -0.80 -36.34 -5.19
N ARG F 74 0.11 -35.94 -6.06
CA ARG F 74 -0.04 -36.27 -7.46
C ARG F 74 0.08 -37.81 -7.62
N HIS F 75 0.79 -38.41 -6.66
CA HIS F 75 1.03 -39.83 -6.60
C HIS F 75 0.22 -40.59 -5.54
N ILE F 76 -0.89 -40.06 -5.05
CA ILE F 76 -1.63 -40.64 -3.91
C ILE F 76 -3.04 -40.11 -3.86
N GLY F 77 -4.05 -40.94 -4.08
CA GLY F 77 -5.39 -40.48 -3.91
C GLY F 77 -5.91 -41.13 -2.65
N CYS F 78 -7.17 -40.87 -2.32
CA CYS F 78 -7.85 -41.67 -1.34
C CYS F 78 -9.36 -41.59 -1.53
N ALA F 79 -10.05 -42.65 -1.12
CA ALA F 79 -11.50 -42.71 -1.22
C ALA F 79 -12.02 -42.89 0.18
N MET F 80 -13.18 -42.31 0.46
CA MET F 80 -13.71 -42.33 1.82
C MET F 80 -15.18 -42.72 1.89
N SER F 81 -15.56 -43.19 3.08
CA SER F 81 -16.87 -43.77 3.30
C SER F 81 -18.01 -42.75 3.38
N THR F 84 -17.99 -37.55 6.26
CA THR F 84 -17.28 -37.31 5.02
C THR F 84 -17.05 -35.80 4.85
N ALA F 85 -17.12 -35.11 6.00
CA ALA F 85 -16.76 -33.70 6.14
C ALA F 85 -15.91 -33.51 7.39
N ASP F 86 -15.80 -34.59 8.18
CA ASP F 86 -14.87 -34.73 9.32
C ASP F 86 -13.48 -34.98 8.77
N ALA F 87 -13.46 -35.18 7.46
CA ALA F 87 -12.27 -35.51 6.73
C ALA F 87 -11.43 -34.29 6.42
N ARG F 88 -12.05 -33.13 6.18
CA ARG F 88 -11.32 -31.96 5.64
C ARG F 88 -10.01 -31.77 6.39
N SER F 89 -10.01 -32.08 7.68
CA SER F 89 -8.85 -31.89 8.53
C SER F 89 -7.78 -32.93 8.31
N MET F 90 -8.19 -34.18 8.10
CA MET F 90 -7.25 -35.26 7.79
C MET F 90 -6.65 -35.07 6.41
N ILE F 91 -7.52 -34.79 5.44
CA ILE F 91 -7.09 -34.43 4.11
C ILE F 91 -6.13 -33.25 4.14
N GLU F 92 -6.50 -32.18 4.84
CA GLU F 92 -5.65 -31.02 4.83
C GLU F 92 -4.31 -31.42 5.40
N HIS F 93 -4.34 -32.22 6.46
CA HIS F 93 -3.12 -32.64 7.14
C HIS F 93 -2.16 -33.46 6.26
N ALA F 94 -2.69 -34.60 5.78
CA ALA F 94 -2.17 -35.40 4.67
C ALA F 94 -1.45 -34.55 3.63
N ARG F 95 -2.21 -33.66 2.97
CA ARG F 95 -1.69 -32.73 1.93
C ARG F 95 -0.51 -31.89 2.44
N THR F 96 -0.66 -31.34 3.62
CA THR F 96 0.42 -30.59 4.22
C THR F 96 1.67 -31.47 4.32
N ALA F 97 1.49 -32.72 4.78
CA ALA F 97 2.62 -33.62 5.00
C ALA F 97 3.28 -33.92 3.64
N ALA F 98 2.43 -34.29 2.68
CA ALA F 98 2.87 -34.59 1.34
C ALA F 98 3.68 -33.44 0.77
N VAL F 99 3.09 -32.23 0.79
CA VAL F 99 3.71 -31.05 0.17
C VAL F 99 5.02 -30.63 0.85
N THR F 100 5.02 -30.66 2.18
CA THR F 100 6.19 -30.34 2.95
C THR F 100 7.32 -31.28 2.53
N HIS F 101 7.04 -32.59 2.59
CA HIS F 101 8.08 -33.56 2.29
C HIS F 101 8.62 -33.29 0.89
N ASN F 102 7.68 -33.10 -0.02
CA ASN F 102 8.03 -32.94 -1.40
C ASN F 102 8.89 -31.73 -1.65
N LEU F 103 8.45 -30.57 -1.14
CA LEU F 103 9.24 -29.35 -1.19
C LEU F 103 10.65 -29.53 -0.63
N TYR F 104 10.77 -30.05 0.56
CA TYR F 104 12.12 -30.23 1.10
C TYR F 104 13.00 -31.36 0.44
N TYR F 105 12.35 -32.35 -0.19
CA TYR F 105 13.10 -33.49 -0.70
C TYR F 105 13.11 -33.63 -2.19
N ASP F 106 12.20 -32.90 -2.82
CA ASP F 106 12.06 -32.92 -4.27
C ASP F 106 11.76 -34.35 -4.79
N GLU F 107 10.85 -35.05 -4.09
CA GLU F 107 10.41 -36.38 -4.49
C GLU F 107 9.01 -36.65 -3.94
N ASP F 108 8.34 -37.69 -4.42
CA ASP F 108 7.07 -38.11 -3.83
C ASP F 108 7.28 -38.64 -2.41
N ILE F 109 6.30 -38.44 -1.55
CA ILE F 109 6.38 -39.01 -0.23
C ILE F 109 5.98 -40.47 -0.33
N ASN F 110 6.64 -41.27 0.51
CA ASN F 110 6.34 -42.64 0.80
C ASN F 110 4.90 -42.82 1.28
N VAL F 111 4.08 -43.51 0.49
CA VAL F 111 2.69 -43.69 0.80
C VAL F 111 2.53 -44.32 2.17
N GLU F 112 3.50 -45.09 2.63
CA GLU F 112 3.33 -45.69 3.97
C GLU F 112 3.51 -44.63 5.05
N SER F 113 4.56 -43.82 4.91
CA SER F 113 4.76 -42.69 5.76
C SER F 113 3.57 -41.77 5.76
N LEU F 114 3.01 -41.47 4.57
CA LEU F 114 1.84 -40.63 4.51
C LEU F 114 0.70 -41.26 5.31
N THR F 115 0.52 -42.57 5.19
CA THR F 115 -0.62 -43.17 5.88
C THR F 115 -0.36 -43.25 7.39
N GLN F 116 0.91 -43.28 7.77
CA GLN F 116 1.27 -43.25 9.18
C GLN F 116 0.87 -41.85 9.71
N SER F 117 1.27 -40.81 8.99
CA SER F 117 0.99 -39.41 9.34
C SER F 117 -0.47 -39.11 9.56
N VAL F 118 -1.37 -39.68 8.77
CA VAL F 118 -2.80 -39.44 8.93
C VAL F 118 -3.43 -40.28 10.04
N CYS F 119 -2.82 -41.42 10.32
CA CYS F 119 -3.34 -42.33 11.33
C CYS F 119 -2.96 -41.87 12.71
N ASP F 120 -1.74 -41.37 12.83
CA ASP F 120 -1.24 -40.69 14.01
C ASP F 120 -2.18 -39.60 14.49
N LEU F 121 -2.74 -38.86 13.53
CA LEU F 121 -3.63 -37.76 13.83
C LEU F 121 -4.84 -38.28 14.59
N ALA F 122 -5.44 -39.37 14.10
CA ALA F 122 -6.55 -40.02 14.81
C ALA F 122 -6.10 -40.68 16.13
N LEU F 123 -4.91 -41.28 16.11
CA LEU F 123 -4.34 -41.97 17.28
C LEU F 123 -4.30 -41.11 18.52
N ARG F 124 -4.12 -39.80 18.32
CA ARG F 124 -4.24 -38.82 19.39
C ARG F 124 -5.66 -38.26 19.20
N PHE F 125 -6.65 -39.03 19.66
CA PHE F 125 -8.05 -38.85 19.22
C PHE F 125 -8.64 -37.45 19.43
N VAL F 142 -13.72 -40.15 7.91
CA VAL F 142 -13.07 -40.74 9.10
C VAL F 142 -12.38 -42.13 8.84
N ALA F 143 -13.03 -43.00 8.05
CA ALA F 143 -12.46 -44.26 7.47
C ALA F 143 -11.91 -44.12 6.02
N LEU F 144 -10.67 -44.55 5.80
CA LEU F 144 -9.95 -44.27 4.53
C LEU F 144 -9.37 -45.42 3.68
N LEU F 145 -9.48 -45.26 2.37
CA LEU F 145 -8.77 -46.13 1.44
C LEU F 145 -7.73 -45.29 0.76
N ILE F 146 -6.50 -45.33 1.25
CA ILE F 146 -5.40 -44.55 0.66
C ILE F 146 -4.69 -45.40 -0.37
N ALA F 147 -4.45 -44.84 -1.56
CA ALA F 147 -3.80 -45.61 -2.61
C ALA F 147 -2.69 -44.81 -3.27
N GLY F 148 -1.49 -45.37 -3.34
CA GLY F 148 -0.46 -44.64 -4.06
C GLY F 148 0.68 -45.43 -4.65
N HIS F 149 1.43 -44.76 -5.52
CA HIS F 149 2.63 -45.36 -6.04
C HIS F 149 3.83 -44.66 -5.50
N ASP F 150 4.77 -45.43 -4.96
CA ASP F 150 6.06 -44.84 -4.68
C ASP F 150 7.20 -45.73 -5.20
N ALA F 151 8.44 -45.35 -4.96
CA ALA F 151 9.58 -45.96 -5.61
C ALA F 151 10.21 -46.84 -4.56
N ASP F 152 9.45 -47.06 -3.49
CA ASP F 152 9.95 -47.87 -2.42
C ASP F 152 9.31 -49.23 -2.48
N ASP F 153 7.99 -49.27 -2.60
CA ASP F 153 7.27 -50.51 -2.62
C ASP F 153 6.19 -50.49 -3.67
N GLY F 154 6.44 -49.75 -4.77
CA GLY F 154 5.53 -49.61 -5.91
C GLY F 154 4.10 -49.43 -5.51
N TYR F 155 3.18 -50.01 -6.26
CA TYR F 155 1.76 -49.84 -5.97
C TYR F 155 1.39 -50.39 -4.59
N GLN F 156 0.56 -49.68 -3.84
CA GLN F 156 0.31 -50.01 -2.47
C GLN F 156 -1.07 -49.54 -2.22
N LEU F 157 -1.76 -50.20 -1.32
CA LEU F 157 -3.14 -49.87 -1.00
C LEU F 157 -3.23 -50.03 0.51
N PHE F 158 -3.88 -49.10 1.20
CA PHE F 158 -4.00 -49.21 2.64
C PHE F 158 -5.42 -48.96 3.03
N HIS F 159 -5.79 -49.46 4.20
CA HIS F 159 -7.09 -49.18 4.79
C HIS F 159 -6.83 -48.50 6.11
N ALA F 160 -7.47 -47.35 6.32
CA ALA F 160 -7.25 -46.54 7.53
C ALA F 160 -8.55 -46.40 8.28
N GLU F 161 -8.56 -46.97 9.50
CA GLU F 161 -9.74 -46.98 10.35
C GLU F 161 -9.83 -45.74 11.23
N PRO F 162 -11.07 -45.33 11.58
CA PRO F 162 -11.24 -44.12 12.41
C PRO F 162 -10.38 -44.21 13.68
N SER F 163 -10.19 -45.45 14.17
CA SER F 163 -9.32 -45.75 15.31
C SER F 163 -7.89 -45.21 15.12
N GLY F 164 -7.44 -45.10 13.87
CA GLY F 164 -6.06 -44.74 13.59
C GLY F 164 -5.14 -45.95 13.40
N THR F 165 -5.73 -47.14 13.40
CA THR F 165 -4.99 -48.31 12.91
C THR F 165 -5.19 -48.41 11.39
N PHE F 166 -4.11 -48.81 10.70
CA PHE F 166 -4.12 -49.03 9.26
C PHE F 166 -3.46 -50.35 8.85
N TYR F 167 -3.96 -50.96 7.78
CA TYR F 167 -3.34 -52.16 7.24
C TYR F 167 -3.18 -52.13 5.74
N ARG F 168 -2.16 -52.84 5.25
CA ARG F 168 -1.96 -53.04 3.83
C ARG F 168 -2.95 -54.06 3.26
N TYR F 169 -3.29 -53.88 2.00
CA TYR F 169 -4.12 -54.79 1.25
C TYR F 169 -3.74 -54.72 -0.23
N ASN F 170 -4.42 -55.54 -1.02
CA ASN F 170 -4.22 -55.64 -2.44
C ASN F 170 -5.59 -55.56 -3.10
N ALA F 171 -6.63 -55.70 -2.28
CA ALA F 171 -7.98 -55.46 -2.67
C ALA F 171 -8.68 -55.16 -1.36
N LYS F 172 -9.66 -54.27 -1.38
CA LYS F 172 -10.37 -53.89 -0.15
C LYS F 172 -11.65 -53.11 -0.40
N ALA F 173 -12.66 -53.40 0.40
CA ALA F 173 -13.95 -52.78 0.28
C ALA F 173 -14.37 -52.33 1.67
N ILE F 174 -14.89 -51.10 1.76
CA ILE F 174 -15.35 -50.49 3.02
C ILE F 174 -16.70 -49.85 2.76
N GLY F 175 -17.55 -49.75 3.78
CA GLY F 175 -18.91 -49.26 3.56
C GLY F 175 -20.01 -50.33 3.50
N SER F 176 -21.10 -50.04 2.80
CA SER F 176 -22.36 -50.74 3.11
C SER F 176 -22.46 -52.18 2.58
N GLY F 177 -22.01 -52.41 1.34
CA GLY F 177 -21.95 -53.78 0.86
C GLY F 177 -20.54 -54.31 0.94
N SER F 178 -19.87 -54.15 2.08
CA SER F 178 -18.43 -54.38 2.11
C SER F 178 -17.95 -55.73 2.66
N GLU F 179 -18.78 -56.41 3.44
CA GLU F 179 -18.56 -57.86 3.67
C GLU F 179 -18.96 -58.64 2.40
N GLY F 180 -20.05 -58.20 1.77
CA GLY F 180 -20.50 -58.73 0.49
C GLY F 180 -19.36 -58.73 -0.51
N ALA F 181 -18.89 -57.54 -0.85
CA ALA F 181 -17.84 -57.35 -1.84
C ALA F 181 -16.51 -58.03 -1.49
N GLN F 182 -16.08 -57.96 -0.23
CA GLN F 182 -14.74 -58.43 0.16
C GLN F 182 -14.52 -59.93 -0.17
N ALA F 183 -15.58 -60.73 -0.07
CA ALA F 183 -15.57 -62.13 -0.50
C ALA F 183 -15.24 -62.24 -2.01
N GLU F 184 -16.06 -61.59 -2.84
CA GLU F 184 -15.80 -61.52 -4.27
C GLU F 184 -14.40 -60.99 -4.58
N LEU F 185 -13.94 -60.00 -3.84
CA LEU F 185 -12.59 -59.50 -4.06
C LEU F 185 -11.61 -60.63 -3.84
N LEU F 186 -11.76 -61.29 -2.69
CA LEU F 186 -10.86 -62.33 -2.19
C LEU F 186 -10.63 -63.42 -3.24
N ASN F 187 -11.70 -63.93 -3.83
CA ASN F 187 -11.52 -65.03 -4.79
C ASN F 187 -11.41 -64.58 -6.25
N GLU F 188 -11.07 -63.33 -6.48
CA GLU F 188 -10.82 -62.85 -7.85
C GLU F 188 -9.51 -62.09 -7.97
N TRP F 189 -8.98 -61.62 -6.85
CA TRP F 189 -7.75 -60.88 -6.95
C TRP F 189 -6.55 -61.84 -7.18
N HIS F 190 -5.65 -61.46 -8.09
CA HIS F 190 -4.37 -62.14 -8.16
C HIS F 190 -3.35 -61.17 -8.76
N SER F 191 -2.07 -61.51 -8.64
CA SER F 191 -1.03 -60.55 -8.80
C SER F 191 -0.59 -60.43 -10.22
N SER F 192 -1.52 -60.62 -11.13
CA SER F 192 -1.14 -60.53 -12.53
C SER F 192 -2.23 -59.83 -13.31
N LEU F 193 -3.39 -59.60 -12.67
CA LEU F 193 -4.40 -58.65 -13.08
C LEU F 193 -3.78 -57.40 -13.68
N THR F 194 -4.34 -56.98 -14.81
CA THR F 194 -3.95 -55.75 -15.49
C THR F 194 -4.80 -54.64 -14.90
N LEU F 195 -4.43 -53.38 -15.18
CA LEU F 195 -5.21 -52.21 -14.72
C LEU F 195 -6.63 -52.23 -15.27
N LYS F 196 -6.75 -52.54 -16.56
CA LYS F 196 -8.05 -52.66 -17.20
C LYS F 196 -8.93 -53.78 -16.60
N GLU F 197 -8.31 -54.91 -16.23
CA GLU F 197 -9.07 -55.97 -15.56
C GLU F 197 -9.63 -55.41 -14.26
N ALA F 198 -8.74 -54.86 -13.43
CA ALA F 198 -9.04 -54.22 -12.14
C ALA F 198 -10.12 -53.14 -12.24
N GLU F 199 -9.95 -52.20 -13.19
CA GLU F 199 -10.98 -51.22 -13.53
C GLU F 199 -12.36 -51.90 -13.66
N LEU F 200 -12.42 -52.92 -14.51
CA LEU F 200 -13.65 -53.65 -14.75
C LEU F 200 -14.09 -54.40 -13.50
N LEU F 201 -13.13 -55.00 -12.82
CA LEU F 201 -13.43 -55.78 -11.65
C LEU F 201 -14.16 -54.95 -10.58
N VAL F 202 -13.63 -53.75 -10.31
CA VAL F 202 -14.26 -52.76 -9.40
C VAL F 202 -15.67 -52.39 -9.84
N LEU F 203 -15.83 -51.99 -11.11
CA LEU F 203 -17.16 -51.75 -11.65
C LEU F 203 -18.14 -52.90 -11.37
N LYS F 204 -17.69 -54.13 -11.58
CA LYS F 204 -18.54 -55.31 -11.39
C LYS F 204 -19.05 -55.40 -9.95
N ILE F 205 -18.11 -55.43 -9.00
CA ILE F 205 -18.44 -55.47 -7.59
C ILE F 205 -19.37 -54.33 -7.18
N LEU F 206 -19.15 -53.15 -7.76
CA LEU F 206 -19.98 -51.96 -7.50
C LEU F 206 -21.42 -52.10 -7.99
N LYS F 207 -21.62 -52.69 -9.17
CA LYS F 207 -22.98 -53.01 -9.61
C LYS F 207 -23.53 -54.05 -8.68
N GLN F 208 -22.73 -55.09 -8.45
CA GLN F 208 -23.06 -56.21 -7.60
C GLN F 208 -23.68 -55.79 -6.29
N VAL F 209 -23.15 -54.73 -5.67
CA VAL F 209 -23.70 -54.34 -4.36
C VAL F 209 -24.65 -53.13 -4.37
N MET F 210 -24.70 -52.37 -5.47
CA MET F 210 -25.39 -51.08 -5.45
C MET F 210 -26.90 -51.14 -5.29
N GLU F 211 -27.44 -50.16 -4.57
CA GLU F 211 -28.90 -49.96 -4.31
C GLU F 211 -29.69 -49.89 -5.61
N GLU F 212 -29.41 -48.86 -6.41
CA GLU F 212 -29.95 -48.73 -7.77
C GLU F 212 -28.95 -49.25 -8.82
N LYS F 213 -29.29 -49.06 -10.08
CA LYS F 213 -28.47 -49.50 -11.20
C LYS F 213 -27.09 -48.80 -11.24
N LEU F 214 -26.22 -49.23 -12.15
CA LEU F 214 -24.90 -48.66 -12.30
C LEU F 214 -24.73 -47.89 -13.62
N ASP F 215 -24.76 -46.57 -13.51
CA ASP F 215 -24.37 -45.68 -14.62
C ASP F 215 -23.34 -44.68 -14.13
N GLU F 216 -22.69 -44.00 -15.08
CA GLU F 216 -21.56 -43.13 -14.74
C GLU F 216 -21.90 -42.01 -13.76
N ASN F 217 -23.12 -42.03 -13.25
CA ASN F 217 -23.66 -40.93 -12.44
C ASN F 217 -23.73 -41.20 -10.95
N ASN F 218 -23.72 -42.48 -10.57
CA ASN F 218 -23.91 -42.88 -9.17
C ASN F 218 -22.79 -43.77 -8.60
N ALA F 219 -21.86 -44.13 -9.46
CA ALA F 219 -20.61 -44.74 -9.04
C ALA F 219 -19.51 -43.98 -9.73
N GLN F 220 -18.29 -44.02 -9.21
CA GLN F 220 -17.23 -43.23 -9.81
C GLN F 220 -15.87 -43.90 -9.69
N LEU F 221 -15.07 -43.78 -10.73
CA LEU F 221 -13.80 -44.48 -10.79
C LEU F 221 -12.64 -43.52 -10.74
N SER F 222 -11.50 -44.03 -10.30
CA SER F 222 -10.25 -43.27 -10.32
C SER F 222 -9.08 -44.25 -10.27
N CYS F 223 -7.90 -43.81 -10.65
CA CYS F 223 -6.73 -44.65 -10.43
C CYS F 223 -5.47 -43.85 -10.30
N ILE F 224 -4.42 -44.48 -9.80
CA ILE F 224 -3.13 -43.80 -9.76
C ILE F 224 -2.14 -44.75 -10.39
N THR F 225 -1.26 -44.22 -11.22
CA THR F 225 -0.32 -45.00 -12.01
C THR F 225 1.05 -44.33 -11.95
N LYS F 226 2.11 -45.10 -12.10
CA LYS F 226 3.44 -44.53 -12.06
C LYS F 226 3.56 -43.30 -12.96
N GLN F 227 2.89 -43.30 -14.10
CA GLN F 227 3.23 -42.27 -15.05
C GLN F 227 2.26 -41.11 -15.12
N ASP F 228 0.97 -41.38 -14.91
CA ASP F 228 0.00 -40.31 -15.03
C ASP F 228 -0.46 -39.73 -13.69
N GLY F 229 0.31 -40.03 -12.63
CA GLY F 229 -0.07 -39.73 -11.28
C GLY F 229 -1.51 -40.08 -11.02
N PHE F 230 -2.14 -39.41 -10.07
CA PHE F 230 -3.52 -39.69 -9.69
C PHE F 230 -4.50 -39.18 -10.75
N LYS F 231 -5.72 -39.73 -10.82
CA LYS F 231 -6.72 -39.39 -11.83
C LYS F 231 -8.08 -39.71 -11.28
N ILE F 232 -9.06 -38.87 -11.53
CA ILE F 232 -10.43 -39.23 -11.21
C ILE F 232 -11.03 -39.31 -12.58
N TYR F 233 -11.64 -40.44 -12.93
CA TYR F 233 -12.19 -40.62 -14.29
C TYR F 233 -13.41 -39.77 -14.46
N ASP F 234 -13.49 -39.08 -15.59
CA ASP F 234 -14.69 -38.33 -15.88
C ASP F 234 -15.72 -39.32 -16.36
N ASN F 235 -16.98 -38.90 -16.40
CA ASN F 235 -18.10 -39.70 -16.89
C ASN F 235 -17.92 -40.36 -18.24
N GLU F 236 -17.00 -39.88 -19.08
CA GLU F 236 -16.74 -40.55 -20.36
C GLU F 236 -15.97 -41.83 -20.18
N LYS F 237 -14.71 -41.75 -19.73
CA LYS F 237 -13.91 -42.94 -19.51
C LYS F 237 -14.80 -43.97 -18.83
N THR F 238 -15.50 -43.55 -17.78
CA THR F 238 -16.38 -44.45 -17.02
C THR F 238 -17.62 -44.89 -17.79
N ALA F 239 -18.12 -44.04 -18.69
CA ALA F 239 -19.29 -44.41 -19.49
C ALA F 239 -18.96 -45.63 -20.34
N GLU F 240 -17.76 -45.59 -20.95
CA GLU F 240 -17.21 -46.71 -21.70
C GLU F 240 -17.16 -47.96 -20.86
N LEU F 241 -16.43 -47.89 -19.74
CA LEU F 241 -16.14 -49.06 -18.92
C LEU F 241 -17.38 -49.79 -18.43
N ILE F 242 -18.38 -49.05 -17.99
CA ILE F 242 -19.68 -49.61 -17.56
C ILE F 242 -20.44 -50.31 -18.72
N LYS F 243 -20.35 -49.70 -19.91
CA LYS F 243 -20.83 -50.29 -21.17
C LYS F 243 -20.01 -51.51 -21.57
N GLU F 244 -18.69 -51.45 -21.34
CA GLU F 244 -17.78 -52.54 -21.66
C GLU F 244 -17.92 -53.73 -20.71
N LEU F 245 -18.34 -53.47 -19.47
CA LEU F 245 -18.66 -54.52 -18.49
C LEU F 245 -20.00 -55.14 -18.85
N LYS F 246 -20.84 -54.37 -19.53
CA LYS F 246 -22.10 -54.91 -20.06
C LYS F 246 -21.84 -55.89 -21.22
N GLU F 247 -21.10 -55.44 -22.23
CA GLU F 247 -20.75 -56.28 -23.36
C GLU F 247 -19.99 -57.51 -22.90
N LYS F 248 -18.98 -57.31 -22.05
CA LYS F 248 -18.13 -58.39 -21.57
C LYS F 248 -18.82 -59.45 -20.67
N GLU F 249 -19.85 -59.05 -19.93
CA GLU F 249 -20.61 -60.00 -19.13
C GLU F 249 -21.84 -60.51 -19.88
N ALA F 250 -21.86 -60.27 -21.19
CA ALA F 250 -22.87 -60.84 -22.08
C ALA F 250 -22.25 -61.88 -23.03
N ALA F 251 -21.00 -62.29 -22.75
CA ALA F 251 -20.30 -63.38 -23.48
C ALA F 251 -21.04 -64.68 -23.25
N GLU F 252 -21.42 -64.92 -21.99
CA GLU F 252 -22.44 -65.91 -21.60
C GLU F 252 -22.89 -65.74 -20.15
#